data_7FSH
#
_entry.id   7FSH
#
_cell.length_a   81.178
_cell.length_b   49.476
_cell.length_c   115.134
_cell.angle_alpha   90.000
_cell.angle_beta   94.900
_cell.angle_gamma   90.000
#
_symmetry.space_group_name_H-M   'P 1 21 1'
#
loop_
_entity.id
_entity.type
_entity.pdbx_description
1 polymer Syntenin-1
2 non-polymer 1,2-ETHANEDIOL
3 non-polymer 'D-GLUTAMIC ACID'
4 non-polymer ~{N}-cyclopropyl-1,3-benzodioxole-5-carboxamide
5 non-polymer GLYCINE
6 non-polymer 'SULFATE ION'
7 non-polymer ALANINE
8 water water
#
_entity_poly.entity_id   1
_entity_poly.type   'polypeptide(L)'
_entity_poly.pdbx_seq_one_letter_code
;SMAEIKQGIREVILCKDQDGKIGLRLKSIDNGIFVQLVQANSPASLVGLRFGDQVLQINGENCAGWSSDKAHKVLKQAFG
EKITMTIRDRPFERTITMHKDSTGHVGFIFKNGKITSIVKDSSAARNGLLTEHNICEINGQNVIGLKDSQIADILSTSGT
VVTITIMPAFIFEHIIKRMAPSIMKSLMDHTIPEV
;
_entity_poly.pdbx_strand_id   A,B,C,D
#
# COMPACT_ATOMS: atom_id res chain seq x y z
N ILE A 5 -5.80 10.56 25.77
CA ILE A 5 -6.21 9.70 24.62
C ILE A 5 -7.70 9.37 24.83
N LYS A 6 -8.59 10.21 24.27
CA LYS A 6 -10.06 10.22 24.55
C LYS A 6 -10.75 9.05 23.84
N GLN A 7 -10.56 7.81 24.35
CA GLN A 7 -11.05 6.51 23.77
C GLN A 7 -12.42 6.71 23.11
N GLY A 8 -12.42 7.27 21.90
CA GLY A 8 -13.61 7.83 21.25
C GLY A 8 -13.30 8.63 19.99
N ILE A 9 -14.36 8.72 19.21
CA ILE A 9 -14.46 9.46 17.94
C ILE A 9 -15.03 10.86 18.21
N ARG A 10 -14.74 11.83 17.37
CA ARG A 10 -15.22 13.23 17.55
C ARG A 10 -15.22 13.92 16.19
N GLU A 11 -16.14 14.87 16.03
CA GLU A 11 -16.30 15.68 14.80
C GLU A 11 -15.50 16.98 14.98
N VAL A 12 -14.75 17.40 13.97
CA VAL A 12 -14.13 18.75 13.97
C VAL A 12 -14.65 19.47 12.73
N ILE A 13 -14.84 20.77 12.87
CA ILE A 13 -15.23 21.63 11.72
C ILE A 13 -14.11 22.64 11.50
N LEU A 14 -13.48 22.55 10.35
CA LEU A 14 -12.27 23.34 10.00
C LEU A 14 -12.74 24.44 9.08
N CYS A 15 -11.92 25.47 8.94
CA CYS A 15 -12.17 26.61 8.04
C CYS A 15 -10.85 27.09 7.47
N LYS A 16 -10.58 26.80 6.19
CA LYS A 16 -9.39 27.29 5.42
C LYS A 16 -9.10 28.75 5.75
N ASP A 17 -7.83 29.14 5.94
CA ASP A 17 -7.40 30.52 6.32
C ASP A 17 -7.40 31.42 5.06
N GLN A 18 -6.93 32.66 5.22
CA GLN A 18 -6.75 33.67 4.13
C GLN A 18 -6.29 32.95 2.87
N ASP A 19 -5.21 32.15 3.02
CA ASP A 19 -4.34 31.60 1.93
C ASP A 19 -4.85 30.25 1.42
N GLY A 20 -5.98 29.77 1.94
CA GLY A 20 -6.57 28.48 1.49
C GLY A 20 -5.86 27.30 2.13
N LYS A 21 -5.20 27.52 3.26
CA LYS A 21 -4.45 26.48 4.00
C LYS A 21 -5.27 25.98 5.18
N ILE A 22 -5.05 24.77 5.67
CA ILE A 22 -5.62 24.32 6.98
C ILE A 22 -4.49 23.98 7.92
N GLY A 23 -3.33 23.71 7.36
CA GLY A 23 -2.06 23.57 8.09
C GLY A 23 -1.85 22.14 8.49
N LEU A 24 -2.07 21.20 7.59
CA LEU A 24 -2.05 19.78 7.92
C LEU A 24 -1.30 18.96 6.84
N ARG A 25 -0.49 18.00 7.22
CA ARG A 25 0.05 16.94 6.33
C ARG A 25 -0.44 15.59 6.86
N LEU A 26 -0.98 14.75 5.96
CA LEU A 26 -1.58 13.45 6.31
C LEU A 26 -0.68 12.34 5.81
N LYS A 27 -0.68 11.19 6.48
CA LYS A 27 0.11 10.01 6.03
C LYS A 27 -0.77 8.73 6.05
N SER A 28 -0.63 7.91 5.02
CA SER A 28 -1.30 6.59 4.90
C SER A 28 -0.60 5.58 5.82
N ILE A 29 -1.32 4.85 6.67
CA ILE A 29 -0.69 3.85 7.60
C ILE A 29 -1.70 2.69 7.74
N ASP A 30 -1.34 1.48 7.36
CA ASP A 30 -2.21 0.28 7.60
C ASP A 30 -3.62 0.66 7.14
N ASN A 31 -3.74 1.26 5.95
CA ASN A 31 -5.03 1.53 5.24
C ASN A 31 -5.90 2.53 5.99
N GLY A 32 -5.28 3.29 6.90
CA GLY A 32 -5.90 4.47 7.51
C GLY A 32 -5.19 5.73 7.10
N ILE A 33 -5.72 6.84 7.57
CA ILE A 33 -5.06 8.13 7.31
C ILE A 33 -4.80 8.78 8.67
N PHE A 34 -3.57 9.22 8.89
CA PHE A 34 -3.06 9.77 10.16
C PHE A 34 -2.43 11.17 10.00
N VAL A 35 -2.44 11.97 11.07
CA VAL A 35 -1.91 13.36 11.12
C VAL A 35 -0.40 13.24 11.33
N GLN A 36 0.34 13.69 10.32
CA GLN A 36 1.80 13.65 10.30
C GLN A 36 2.35 14.99 10.78
N LEU A 37 1.64 16.08 10.53
CA LEU A 37 2.09 17.46 10.89
C LEU A 37 0.88 18.34 11.04
N VAL A 38 0.86 19.09 12.15
CA VAL A 38 -0.05 20.25 12.39
C VAL A 38 0.83 21.50 12.46
N GLN A 39 0.55 22.46 11.57
CA GLN A 39 1.28 23.74 11.43
C GLN A 39 0.75 24.68 12.52
N ALA A 40 1.65 25.31 13.28
CA ALA A 40 1.32 26.32 14.32
C ALA A 40 0.45 27.40 13.70
N ASN A 41 -0.50 27.93 14.44
CA ASN A 41 -1.34 29.09 14.06
C ASN A 41 -2.07 28.76 12.76
N SER A 42 -2.52 27.51 12.60
CA SER A 42 -3.32 27.11 11.43
C SER A 42 -4.73 26.80 11.90
N PRO A 43 -5.71 26.72 10.98
CA PRO A 43 -7.01 26.17 11.29
C PRO A 43 -6.93 24.81 12.04
N ALA A 44 -5.99 23.98 11.63
CA ALA A 44 -5.87 22.59 12.15
C ALA A 44 -5.43 22.66 13.62
N SER A 45 -4.54 23.57 13.98
CA SER A 45 -4.16 23.76 15.42
C SER A 45 -5.36 24.29 16.23
N LEU A 46 -6.07 25.33 15.76
CA LEU A 46 -7.15 25.98 16.56
C LEU A 46 -8.29 24.98 16.85
N VAL A 47 -8.71 24.17 15.88
CA VAL A 47 -9.77 23.16 16.15
C VAL A 47 -9.16 22.00 16.94
N GLY A 48 -7.85 21.94 17.08
CA GLY A 48 -7.20 21.07 18.06
C GLY A 48 -6.78 19.72 17.52
N LEU A 49 -6.52 19.57 16.21
CA LEU A 49 -5.95 18.31 15.64
C LEU A 49 -4.56 18.10 16.23
N ARG A 50 -4.18 16.83 16.50
CA ARG A 50 -2.90 16.46 17.12
C ARG A 50 -2.19 15.46 16.19
N PHE A 51 -0.86 15.56 16.15
CA PHE A 51 0.03 14.51 15.61
C PHE A 51 -0.49 13.13 16.05
N GLY A 52 -0.57 12.19 15.08
CA GLY A 52 -1.00 10.80 15.30
C GLY A 52 -2.50 10.64 15.33
N ASP A 53 -3.28 11.71 15.22
CA ASP A 53 -4.74 11.53 15.17
C ASP A 53 -5.07 10.74 13.87
N GLN A 54 -6.15 9.97 13.89
CA GLN A 54 -6.66 9.28 12.69
C GLN A 54 -7.85 10.06 12.12
N VAL A 55 -7.87 10.17 10.81
CA VAL A 55 -8.96 10.83 10.06
C VAL A 55 -9.79 9.70 9.46
N LEU A 56 -10.96 9.43 10.02
CA LEU A 56 -11.90 8.38 9.57
C LEU A 56 -12.66 8.93 8.37
N GLN A 57 -13.08 10.20 8.43
CA GLN A 57 -13.84 10.83 7.33
C GLN A 57 -13.40 12.28 7.10
N ILE A 58 -13.55 12.68 5.84
CA ILE A 58 -13.42 14.09 5.41
C ILE A 58 -14.69 14.40 4.66
N ASN A 59 -15.45 15.38 5.16
CA ASN A 59 -16.80 15.69 4.63
C ASN A 59 -17.62 14.41 4.40
N GLY A 60 -17.56 13.45 5.32
CA GLY A 60 -18.45 12.28 5.31
C GLY A 60 -18.03 11.22 4.30
N GLU A 61 -16.98 11.45 3.50
CA GLU A 61 -16.29 10.38 2.74
C GLU A 61 -15.37 9.61 3.73
N ASN A 62 -15.38 8.30 3.67
CA ASN A 62 -14.45 7.41 4.39
C ASN A 62 -13.03 7.51 3.79
N CYS A 63 -12.01 7.56 4.65
CA CYS A 63 -10.60 7.72 4.22
C CYS A 63 -9.90 6.37 4.03
N ALA A 64 -10.51 5.24 4.32
CA ALA A 64 -9.81 3.94 4.30
C ALA A 64 -9.20 3.68 2.94
N GLY A 65 -7.97 3.20 2.90
CA GLY A 65 -7.25 2.85 1.67
C GLY A 65 -6.74 4.07 0.91
N TRP A 66 -7.06 5.29 1.31
CA TRP A 66 -6.56 6.47 0.54
C TRP A 66 -5.03 6.53 0.64
N SER A 67 -4.36 6.85 -0.46
CA SER A 67 -2.97 7.38 -0.46
C SER A 67 -2.93 8.71 0.31
N SER A 68 -1.77 9.02 0.88
CA SER A 68 -1.39 10.39 1.31
C SER A 68 -1.73 11.41 0.19
N ASP A 69 -1.31 11.20 -1.07
CA ASP A 69 -1.64 12.18 -2.16
C ASP A 69 -3.16 12.36 -2.28
N LYS A 70 -3.94 11.27 -2.32
CA LYS A 70 -5.41 11.43 -2.48
C LYS A 70 -6.00 12.29 -1.33
N ALA A 71 -5.62 11.98 -0.09
CA ALA A 71 -6.13 12.71 1.11
C ALA A 71 -5.90 14.21 0.92
N HIS A 72 -4.67 14.59 0.55
CA HIS A 72 -4.16 15.96 0.20
C HIS A 72 -4.91 16.61 -0.99
N LYS A 73 -5.08 15.87 -2.08
CA LYS A 73 -5.95 16.26 -3.22
C LYS A 73 -7.34 16.58 -2.68
N VAL A 74 -8.01 15.65 -1.97
CA VAL A 74 -9.39 15.89 -1.43
C VAL A 74 -9.37 17.19 -0.61
N LEU A 75 -8.43 17.40 0.32
CA LEU A 75 -8.42 18.66 1.11
C LEU A 75 -8.28 19.89 0.17
N LYS A 76 -7.41 19.78 -0.83
CA LYS A 76 -7.10 20.91 -1.74
C LYS A 76 -8.35 21.26 -2.54
N GLN A 77 -9.38 20.40 -2.66
CA GLN A 77 -10.58 20.68 -3.50
C GLN A 77 -11.89 20.76 -2.72
N ALA A 78 -11.90 21.23 -1.47
CA ALA A 78 -13.11 21.32 -0.60
C ALA A 78 -13.67 22.76 -0.59
N PHE A 79 -15.01 22.93 -0.70
CA PHE A 79 -15.82 24.20 -0.70
C PHE A 79 -15.58 24.99 0.59
N GLY A 80 -14.38 25.59 0.68
CA GLY A 80 -13.49 25.75 1.84
C GLY A 80 -14.13 26.31 3.10
N GLU A 81 -15.22 27.07 2.94
CA GLU A 81 -16.18 27.50 4.01
C GLU A 81 -16.06 26.56 5.21
N LYS A 82 -16.34 25.26 5.00
CA LYS A 82 -16.57 24.27 6.09
C LYS A 82 -16.11 22.90 5.59
N ILE A 83 -15.02 22.39 6.17
CA ILE A 83 -14.63 20.95 6.10
C ILE A 83 -14.93 20.32 7.47
N THR A 84 -15.75 19.26 7.48
CA THR A 84 -16.01 18.42 8.69
C THR A 84 -15.04 17.23 8.65
N MET A 85 -14.40 16.90 9.76
CA MET A 85 -13.57 15.68 9.78
C MET A 85 -14.08 14.78 10.88
N THR A 86 -13.93 13.47 10.71
CA THR A 86 -14.17 12.55 11.84
C THR A 86 -12.82 12.01 12.28
N ILE A 87 -12.52 12.22 13.55
CA ILE A 87 -11.18 11.98 14.16
C ILE A 87 -11.28 10.87 15.21
N ARG A 88 -10.41 9.88 15.16
CA ARG A 88 -10.13 9.01 16.31
C ARG A 88 -8.84 9.49 17.01
N ASP A 89 -8.97 9.72 18.32
CA ASP A 89 -7.91 10.38 19.11
C ASP A 89 -6.67 9.50 19.22
N ARG A 90 -5.54 9.99 18.71
CA ARG A 90 -4.18 9.41 18.78
C ARG A 90 -4.18 7.90 19.04
N PRO A 91 -4.70 7.05 18.12
CA PRO A 91 -4.91 5.65 18.44
C PRO A 91 -3.64 4.83 18.65
N PHE A 92 -2.52 5.25 18.09
CA PHE A 92 -1.21 4.57 18.27
C PHE A 92 -0.52 5.00 19.59
N GLU A 93 -1.10 5.90 20.39
CA GLU A 93 -0.28 6.52 21.46
C GLU A 93 -0.90 6.13 22.79
N ARG A 94 -0.12 6.19 23.86
CA ARG A 94 -0.70 6.03 25.21
C ARG A 94 -0.14 7.12 26.12
N THR A 95 -0.79 7.41 27.24
CA THR A 95 -0.33 8.47 28.19
C THR A 95 0.09 7.84 29.52
N ILE A 96 1.20 8.31 30.07
CA ILE A 96 1.74 7.76 31.35
C ILE A 96 1.96 8.91 32.31
N THR A 97 1.37 8.79 33.51
CA THR A 97 1.51 9.80 34.58
C THR A 97 2.61 9.39 35.54
N MET A 98 3.60 10.25 35.74
CA MET A 98 4.75 9.99 36.63
C MET A 98 4.94 11.18 37.56
N HIS A 99 5.68 11.00 38.67
CA HIS A 99 5.95 12.05 39.70
C HIS A 99 7.47 12.17 39.89
N LYS A 100 8.08 13.36 39.69
CA LYS A 100 9.53 13.54 39.90
C LYS A 100 9.84 13.16 41.33
N ASP A 101 11.05 12.68 41.59
CA ASP A 101 11.54 12.31 42.94
C ASP A 101 11.93 13.62 43.66
N SER A 102 12.69 13.53 44.76
CA SER A 102 13.20 14.71 45.50
C SER A 102 14.15 15.51 44.59
N THR A 103 14.91 14.81 43.75
CA THR A 103 15.97 15.38 42.86
C THR A 103 15.39 15.79 41.50
N GLY A 104 14.06 15.88 41.37
CA GLY A 104 13.42 16.36 40.12
C GLY A 104 13.45 15.35 39.00
N HIS A 105 13.76 14.07 39.25
CA HIS A 105 13.84 13.01 38.19
C HIS A 105 12.54 12.18 38.12
N VAL A 106 12.09 11.85 36.90
CA VAL A 106 11.00 10.84 36.66
C VAL A 106 11.61 9.45 36.41
N GLY A 107 12.81 9.36 35.83
CA GLY A 107 13.61 8.13 35.91
C GLY A 107 13.77 7.40 34.57
N PHE A 108 14.11 8.10 33.47
CA PHE A 108 14.55 7.45 32.22
C PHE A 108 15.64 8.27 31.53
N ILE A 109 16.21 7.66 30.49
CA ILE A 109 17.15 8.27 29.51
C ILE A 109 16.50 8.14 28.13
N PHE A 110 16.48 9.25 27.38
CA PHE A 110 15.99 9.30 25.99
C PHE A 110 17.11 9.82 25.10
N LYS A 111 17.04 9.55 23.79
CA LYS A 111 17.92 10.10 22.72
C LYS A 111 17.17 10.28 21.39
N ASN A 112 17.25 11.47 20.78
CA ASN A 112 16.45 11.93 19.61
C ASN A 112 14.98 11.69 19.93
N GLY A 113 14.53 12.06 21.12
CA GLY A 113 13.14 11.96 21.58
C GLY A 113 12.68 10.55 21.91
N LYS A 114 13.54 9.53 21.77
CA LYS A 114 13.26 8.09 22.01
C LYS A 114 13.79 7.59 23.37
N ILE A 115 12.93 6.98 24.16
CA ILE A 115 13.30 6.39 25.49
C ILE A 115 14.19 5.16 25.25
N THR A 116 15.34 5.07 25.92
CA THR A 116 16.38 4.01 25.71
C THR A 116 16.70 3.22 26.99
N SER A 117 16.43 3.74 28.18
CA SER A 117 16.54 2.90 29.40
C SER A 117 15.59 3.42 30.48
N ILE A 118 15.18 2.51 31.37
CA ILE A 118 14.29 2.82 32.53
C ILE A 118 15.21 2.67 33.75
N VAL A 119 15.28 3.70 34.59
CA VAL A 119 16.22 3.76 35.76
C VAL A 119 15.55 2.97 36.88
N LYS A 120 16.27 2.00 37.45
CA LYS A 120 15.78 1.11 38.52
C LYS A 120 15.13 1.95 39.62
N ASP A 121 14.05 1.45 40.25
CA ASP A 121 13.42 2.06 41.46
C ASP A 121 12.89 3.49 41.22
N SER A 122 12.52 3.86 39.99
CA SER A 122 11.98 5.21 39.65
C SER A 122 10.45 5.16 39.41
N SER A 123 9.80 6.33 39.39
CA SER A 123 8.40 6.52 38.95
C SER A 123 8.16 5.97 37.53
N ALA A 124 9.14 6.07 36.62
CA ALA A 124 9.10 5.49 35.25
C ALA A 124 8.96 3.96 35.31
N ALA A 125 9.78 3.30 36.13
CA ALA A 125 9.74 1.87 36.46
C ALA A 125 8.40 1.53 37.08
N ARG A 126 7.97 2.27 38.10
CA ARG A 126 6.77 1.85 38.85
C ARG A 126 5.54 1.93 37.96
N ASN A 127 5.55 2.83 36.97
CA ASN A 127 4.43 3.10 36.01
C ASN A 127 4.62 2.37 34.67
N GLY A 128 5.68 1.58 34.53
CA GLY A 128 5.89 0.69 33.38
C GLY A 128 6.11 1.44 32.10
N LEU A 129 6.90 2.50 32.16
CA LEU A 129 7.41 3.16 30.94
C LEU A 129 8.23 2.15 30.17
N LEU A 130 8.09 2.17 28.85
CA LEU A 130 8.74 1.23 27.93
C LEU A 130 9.84 1.99 27.19
N THR A 131 10.89 1.29 26.82
CA THR A 131 11.91 1.78 25.87
C THR A 131 11.41 1.57 24.42
N GLU A 132 12.19 2.02 23.46
CA GLU A 132 11.87 1.90 22.04
C GLU A 132 10.51 2.57 21.78
N HIS A 133 10.26 3.67 22.47
CA HIS A 133 9.02 4.48 22.36
C HIS A 133 9.47 5.93 22.13
N ASN A 134 8.89 6.64 21.17
CA ASN A 134 9.17 8.08 20.94
C ASN A 134 8.25 8.91 21.80
N ILE A 135 8.78 10.00 22.33
CA ILE A 135 7.98 10.96 23.13
C ILE A 135 7.27 11.85 22.13
N CYS A 136 5.93 11.84 22.10
CA CYS A 136 5.11 12.71 21.23
C CYS A 136 4.72 14.03 21.93
N GLU A 137 4.50 14.03 23.23
CA GLU A 137 3.92 15.18 23.96
C GLU A 137 4.35 15.10 25.44
N ILE A 138 4.40 16.22 26.12
CA ILE A 138 4.64 16.25 27.59
C ILE A 138 3.60 17.19 28.20
N ASN A 139 2.77 16.69 29.11
CA ASN A 139 1.65 17.48 29.67
C ASN A 139 0.87 18.13 28.50
N GLY A 140 0.57 17.37 27.45
CA GLY A 140 -0.28 17.78 26.32
C GLY A 140 0.39 18.74 25.35
N GLN A 141 1.68 19.06 25.53
CA GLN A 141 2.43 19.91 24.59
C GLN A 141 3.21 19.08 23.57
N ASN A 142 2.95 19.23 22.27
CA ASN A 142 3.68 18.44 21.24
C ASN A 142 5.17 18.82 21.35
N VAL A 143 6.10 17.84 21.47
CA VAL A 143 7.57 18.06 21.57
C VAL A 143 8.34 17.45 20.38
N ILE A 144 7.66 17.02 19.33
CA ILE A 144 8.31 16.24 18.23
C ILE A 144 9.18 17.18 17.39
N GLY A 145 10.45 16.83 17.13
CA GLY A 145 11.38 17.71 16.40
C GLY A 145 12.21 18.57 17.32
N LEU A 146 11.78 18.83 18.56
CA LEU A 146 12.56 19.70 19.46
C LEU A 146 13.89 19.01 19.76
N LYS A 147 14.96 19.76 20.05
CA LYS A 147 16.28 19.18 20.46
C LYS A 147 16.06 18.42 21.76
N ASP A 148 16.93 17.46 22.09
CA ASP A 148 16.78 16.72 23.36
C ASP A 148 16.89 17.70 24.53
N SER A 149 17.75 18.71 24.37
CA SER A 149 18.04 19.73 25.40
C SER A 149 16.72 20.39 25.79
N GLN A 150 15.84 20.65 24.80
CA GLN A 150 14.56 21.38 25.01
C GLN A 150 13.49 20.46 25.62
N ILE A 151 13.58 19.15 25.39
CA ILE A 151 12.61 18.19 25.99
C ILE A 151 12.98 18.08 27.47
N ALA A 152 14.27 18.17 27.76
CA ALA A 152 14.84 18.19 29.13
C ALA A 152 14.36 19.44 29.85
N ASP A 153 14.47 20.59 29.20
CA ASP A 153 14.03 21.89 29.78
C ASP A 153 12.54 21.77 30.11
N ILE A 154 11.69 21.30 29.17
CA ILE A 154 10.24 21.13 29.43
C ILE A 154 10.03 20.23 30.65
N LEU A 155 10.82 19.19 30.85
CA LEU A 155 10.62 18.21 31.96
C LEU A 155 11.01 18.85 33.30
N SER A 156 12.18 19.50 33.33
CA SER A 156 12.71 20.26 34.50
C SER A 156 11.69 21.30 34.96
N THR A 157 11.19 22.14 34.05
CA THR A 157 10.24 23.23 34.38
C THR A 157 8.83 22.68 34.61
N SER A 158 8.45 21.51 34.12
CA SER A 158 7.16 20.92 34.50
C SER A 158 7.05 20.93 36.05
N GLY A 159 5.85 20.98 36.62
CA GLY A 159 5.59 20.65 38.05
C GLY A 159 5.96 19.21 38.41
N THR A 160 5.52 18.68 39.56
CA THR A 160 6.00 17.34 40.01
C THR A 160 5.22 16.18 39.32
N VAL A 161 3.92 16.33 39.02
CA VAL A 161 3.18 15.38 38.13
C VAL A 161 3.61 15.66 36.68
N VAL A 162 4.09 14.63 35.98
CA VAL A 162 4.52 14.71 34.56
C VAL A 162 3.68 13.69 33.78
N THR A 163 3.02 14.16 32.74
CA THR A 163 2.27 13.32 31.78
C THR A 163 3.07 13.29 30.49
N ILE A 164 3.37 12.09 29.99
CA ILE A 164 4.06 11.91 28.68
C ILE A 164 3.20 11.02 27.77
N THR A 165 3.08 11.43 26.51
CA THR A 165 2.32 10.72 25.46
C THR A 165 3.39 10.08 24.59
N ILE A 166 3.39 8.74 24.57
CA ILE A 166 4.46 7.96 23.87
C ILE A 166 3.84 7.17 22.71
N MET A 167 4.68 6.79 21.73
CA MET A 167 4.36 5.95 20.56
C MET A 167 5.47 4.92 20.32
N PRO A 168 5.15 3.64 19.99
CA PRO A 168 6.16 2.69 19.53
C PRO A 168 6.95 3.29 18.38
N ALA A 169 8.27 3.14 18.45
CA ALA A 169 9.25 3.74 17.52
C ALA A 169 8.97 3.29 16.09
N PHE A 170 8.73 2.01 15.87
N PHE A 170 8.66 2.01 15.90
CA PHE A 170 8.44 1.47 14.52
CA PHE A 170 8.42 1.41 14.55
C PHE A 170 7.33 2.32 13.90
C PHE A 170 7.22 2.08 13.89
N ILE A 171 6.30 2.65 14.68
CA ILE A 171 5.09 3.34 14.13
C ILE A 171 5.42 4.82 13.90
N PHE A 172 6.08 5.40 14.88
CA PHE A 172 6.71 6.74 14.81
C PHE A 172 7.54 6.88 13.52
N GLU A 173 8.56 6.04 13.32
CA GLU A 173 9.49 6.11 12.19
C GLU A 173 8.68 5.93 10.89
N HIS A 174 7.58 5.20 10.93
CA HIS A 174 6.76 5.01 9.71
C HIS A 174 5.97 6.30 9.41
N ILE A 175 5.50 7.02 10.44
CA ILE A 175 4.59 8.18 10.23
C ILE A 175 5.41 9.36 9.70
N ILE A 176 6.62 9.61 10.23
CA ILE A 176 7.49 10.78 9.88
C ILE A 176 8.39 10.54 8.65
N LYS A 177 8.59 9.29 8.19
CA LYS A 177 9.24 9.01 6.87
C LYS A 177 8.75 10.02 5.83
N ARG A 178 9.71 10.64 5.10
CA ARG A 178 9.46 11.51 3.91
C ARG A 178 9.14 12.95 4.35
N MET A 179 9.59 13.31 5.55
CA MET A 179 9.60 14.70 6.07
C MET A 179 10.97 14.96 6.74
N ALA A 180 11.77 15.87 6.16
CA ALA A 180 13.15 16.24 6.57
C ALA A 180 13.11 16.73 8.02
N PRO A 181 14.15 16.43 8.84
CA PRO A 181 14.05 16.63 10.30
C PRO A 181 13.99 18.12 10.70
N SER A 182 14.31 19.01 9.73
CA SER A 182 14.27 20.49 9.84
C SER A 182 12.82 20.98 9.87
N ILE A 183 11.94 20.36 9.07
CA ILE A 183 10.51 20.75 8.93
C ILE A 183 9.77 20.43 10.24
N MET A 184 10.15 19.32 10.91
CA MET A 184 9.57 18.84 12.19
C MET A 184 9.84 19.90 13.27
N LYS A 185 11.11 20.31 13.43
CA LYS A 185 11.52 21.40 14.35
C LYS A 185 10.89 22.74 13.90
N SER A 186 10.94 23.04 12.61
CA SER A 186 10.51 24.34 12.03
C SER A 186 9.03 24.58 12.32
N LEU A 187 8.15 23.64 11.94
CA LEU A 187 6.73 23.95 11.62
C LEU A 187 5.70 23.13 12.43
N MET A 188 6.09 22.02 13.04
CA MET A 188 5.21 21.26 13.97
C MET A 188 4.79 22.18 15.13
N ASP A 189 3.48 22.32 15.29
CA ASP A 189 2.87 23.12 16.36
C ASP A 189 3.34 22.54 17.68
N HIS A 190 4.20 23.26 18.41
CA HIS A 190 4.70 22.92 19.76
C HIS A 190 4.05 23.77 20.83
N THR A 191 2.98 24.49 20.51
CA THR A 191 2.38 25.52 21.40
C THR A 191 1.41 24.86 22.40
N ILE A 192 1.25 25.45 23.58
CA ILE A 192 0.07 25.25 24.46
C ILE A 192 -1.13 25.70 23.62
N PRO A 193 -2.25 24.93 23.54
CA PRO A 193 -3.51 25.42 22.95
C PRO A 193 -4.08 26.72 23.55
N GLU A 194 -4.89 27.42 22.78
CA GLU A 194 -5.57 28.67 23.22
C GLU A 194 -6.99 28.32 23.67
N VAL A 195 -7.51 29.01 24.69
CA VAL A 195 -8.95 28.93 25.07
C VAL A 195 -9.65 30.27 24.76
N ALA B 3 2.29 27.32 -26.94
CA ALA B 3 3.78 27.36 -26.73
C ALA B 3 4.28 28.82 -26.60
N GLU B 4 3.43 29.82 -26.94
CA GLU B 4 3.67 31.30 -26.90
C GLU B 4 4.24 31.74 -25.53
N ILE B 5 5.37 32.43 -25.52
CA ILE B 5 5.93 33.05 -24.27
C ILE B 5 4.92 34.13 -23.82
N LYS B 6 4.38 34.00 -22.59
CA LYS B 6 3.43 34.96 -21.96
C LYS B 6 4.25 36.11 -21.35
N GLN B 7 3.73 37.34 -21.39
CA GLN B 7 4.45 38.52 -20.82
C GLN B 7 4.02 38.72 -19.36
N GLY B 8 4.85 39.34 -18.56
CA GLY B 8 4.67 39.32 -17.11
C GLY B 8 4.52 37.90 -16.55
N ILE B 9 3.75 37.86 -15.48
CA ILE B 9 4.04 37.08 -14.26
C ILE B 9 2.79 36.32 -13.87
N ARG B 10 2.91 35.09 -13.41
CA ARG B 10 1.76 34.37 -12.82
C ARG B 10 2.15 33.69 -11.50
N GLU B 11 1.15 33.30 -10.72
CA GLU B 11 1.28 32.62 -9.41
C GLU B 11 1.00 31.16 -9.70
N VAL B 12 1.90 30.24 -9.36
CA VAL B 12 1.63 28.77 -9.38
C VAL B 12 1.65 28.27 -7.93
N ILE B 13 0.90 27.21 -7.63
CA ILE B 13 0.72 26.67 -6.24
C ILE B 13 1.09 25.19 -6.30
N LEU B 14 2.04 24.76 -5.48
CA LEU B 14 2.48 23.35 -5.46
C LEU B 14 2.21 22.73 -4.12
N CYS B 15 1.81 21.46 -4.12
CA CYS B 15 1.69 20.58 -2.93
C CYS B 15 2.81 19.53 -3.01
N LYS B 16 3.76 19.54 -2.07
CA LYS B 16 4.82 18.49 -1.99
C LYS B 16 4.16 17.11 -2.02
N ASP B 17 4.79 16.18 -2.70
CA ASP B 17 4.24 14.81 -2.89
C ASP B 17 4.52 14.04 -1.58
N GLN B 18 4.02 12.81 -1.49
CA GLN B 18 4.13 12.02 -0.24
C GLN B 18 5.60 11.67 0.06
N ASP B 19 6.56 11.83 -0.85
CA ASP B 19 8.00 11.69 -0.52
C ASP B 19 8.68 13.06 -0.27
N GLY B 20 7.92 14.14 -0.03
CA GLY B 20 8.45 15.49 0.24
C GLY B 20 9.05 16.15 -1.00
N LYS B 21 8.85 15.59 -2.21
CA LYS B 21 9.42 16.08 -3.49
C LYS B 21 8.44 17.04 -4.20
N ILE B 22 9.04 17.88 -5.03
CA ILE B 22 8.40 18.97 -5.79
C ILE B 22 8.60 18.62 -7.27
N GLY B 23 9.80 18.16 -7.60
CA GLY B 23 10.29 17.78 -8.93
C GLY B 23 11.04 18.89 -9.64
N LEU B 24 11.77 19.76 -8.93
CA LEU B 24 12.44 20.93 -9.57
C LEU B 24 13.91 20.89 -9.21
N ARG B 25 14.76 21.20 -10.15
CA ARG B 25 16.08 21.74 -9.76
C ARG B 25 16.11 23.15 -10.28
N LEU B 26 16.78 24.04 -9.54
CA LEU B 26 16.80 25.51 -9.65
C LEU B 26 18.24 25.94 -9.82
N LYS B 27 18.50 27.01 -10.58
CA LYS B 27 19.88 27.50 -10.86
C LYS B 27 19.92 29.03 -10.87
N SER B 28 20.95 29.55 -10.22
CA SER B 28 21.32 30.98 -10.11
C SER B 28 21.84 31.39 -11.49
N ILE B 29 21.20 32.36 -12.14
CA ILE B 29 21.68 32.96 -13.44
C ILE B 29 21.50 34.47 -13.36
N ASP B 30 22.57 35.26 -13.46
CA ASP B 30 22.46 36.72 -13.66
C ASP B 30 21.71 37.31 -12.46
N ASN B 31 21.92 36.72 -11.27
CA ASN B 31 21.31 37.10 -9.98
C ASN B 31 19.80 36.88 -9.97
N GLY B 32 19.27 36.03 -10.85
CA GLY B 32 17.94 35.43 -10.71
C GLY B 32 18.02 33.95 -10.42
N ILE B 33 16.86 33.34 -10.25
CA ILE B 33 16.68 31.87 -10.08
C ILE B 33 15.85 31.36 -11.24
N PHE B 34 16.38 30.34 -11.92
CA PHE B 34 15.67 29.74 -13.07
C PHE B 34 15.50 28.24 -12.87
N VAL B 35 14.54 27.64 -13.57
CA VAL B 35 14.29 26.17 -13.52
C VAL B 35 15.24 25.48 -14.52
N GLN B 36 16.05 24.56 -14.02
CA GLN B 36 17.02 23.81 -14.88
C GLN B 36 16.51 22.39 -15.11
N LEU B 37 15.59 21.90 -14.28
CA LEU B 37 14.92 20.59 -14.50
C LEU B 37 13.53 20.60 -13.87
N VAL B 38 12.56 20.03 -14.59
CA VAL B 38 11.19 19.72 -14.10
C VAL B 38 11.06 18.17 -14.25
N GLN B 39 10.65 17.46 -13.20
CA GLN B 39 10.55 15.97 -13.24
C GLN B 39 9.20 15.58 -13.82
N ALA B 40 9.23 14.63 -14.74
CA ALA B 40 8.04 13.91 -15.24
C ALA B 40 7.23 13.44 -14.04
N ASN B 41 5.90 13.62 -14.04
CA ASN B 41 4.97 13.07 -13.01
C ASN B 41 5.35 13.57 -11.61
N SER B 42 5.45 14.87 -11.45
CA SER B 42 5.83 15.56 -10.19
C SER B 42 4.82 16.68 -9.97
N PRO B 43 4.69 17.22 -8.75
CA PRO B 43 3.81 18.37 -8.57
C PRO B 43 4.23 19.49 -9.55
N ALA B 44 5.53 19.63 -9.86
CA ALA B 44 6.01 20.75 -10.71
C ALA B 44 5.47 20.53 -12.14
N SER B 45 5.63 19.34 -12.72
CA SER B 45 5.08 19.04 -14.07
C SER B 45 3.56 19.23 -14.03
N LEU B 46 2.86 18.67 -13.04
CA LEU B 46 1.37 18.75 -13.00
C LEU B 46 0.90 20.20 -13.00
N VAL B 47 1.61 21.15 -12.37
CA VAL B 47 1.16 22.58 -12.33
C VAL B 47 1.73 23.37 -13.51
N GLY B 48 2.51 22.76 -14.38
CA GLY B 48 2.85 23.40 -15.66
C GLY B 48 4.04 24.31 -15.54
N LEU B 49 4.88 24.15 -14.52
CA LEU B 49 6.24 24.76 -14.50
C LEU B 49 7.10 24.13 -15.60
N ARG B 50 8.01 24.90 -16.18
CA ARG B 50 8.78 24.53 -17.40
C ARG B 50 10.26 24.88 -17.23
N PHE B 51 11.12 24.04 -17.80
CA PHE B 51 12.55 24.37 -17.98
C PHE B 51 12.69 25.82 -18.53
N GLY B 52 13.45 26.62 -17.83
CA GLY B 52 13.75 28.00 -18.28
C GLY B 52 12.86 29.03 -17.59
N ASP B 53 11.81 28.61 -16.87
CA ASP B 53 10.97 29.57 -16.13
C ASP B 53 11.85 30.27 -15.10
N GLN B 54 11.56 31.55 -14.83
CA GLN B 54 12.23 32.32 -13.76
C GLN B 54 11.34 32.26 -12.52
N VAL B 55 11.93 31.98 -11.38
CA VAL B 55 11.16 32.06 -10.11
C VAL B 55 11.49 33.39 -9.43
N LEU B 56 10.53 34.30 -9.32
CA LEU B 56 10.73 35.69 -8.79
C LEU B 56 10.66 35.60 -7.26
N GLN B 57 9.78 34.71 -6.81
CA GLN B 57 9.47 34.52 -5.37
C GLN B 57 9.05 33.09 -5.04
N ILE B 58 9.39 32.67 -3.82
CA ILE B 58 8.86 31.46 -3.18
C ILE B 58 8.16 31.89 -1.91
N ASN B 59 6.91 31.48 -1.76
CA ASN B 59 6.15 31.80 -0.53
C ASN B 59 6.35 33.28 -0.23
N GLY B 60 6.38 34.15 -1.24
CA GLY B 60 6.38 35.61 -1.06
C GLY B 60 7.75 36.14 -0.69
N GLU B 61 8.82 35.31 -0.67
CA GLU B 61 10.20 35.81 -0.53
C GLU B 61 10.80 35.99 -1.93
N ASN B 62 11.48 37.10 -2.17
CA ASN B 62 12.24 37.37 -3.42
C ASN B 62 13.46 36.45 -3.55
N CYS B 63 13.60 35.84 -4.68
CA CYS B 63 14.73 34.94 -5.01
C CYS B 63 15.95 35.71 -5.49
N ALA B 64 15.86 37.02 -5.72
CA ALA B 64 16.95 37.84 -6.26
C ALA B 64 18.23 37.63 -5.45
N GLY B 65 19.38 37.37 -6.12
CA GLY B 65 20.68 37.20 -5.42
C GLY B 65 20.83 35.81 -4.79
N TRP B 66 19.82 34.99 -4.74
CA TRP B 66 19.94 33.65 -4.08
C TRP B 66 20.88 32.73 -4.86
N SER B 67 21.69 31.94 -4.16
CA SER B 67 22.48 30.80 -4.72
C SER B 67 21.53 29.65 -5.04
N SER B 68 21.90 28.76 -5.96
CA SER B 68 21.17 27.49 -6.23
C SER B 68 20.99 26.75 -4.90
N ASP B 69 21.96 26.83 -4.01
CA ASP B 69 21.90 26.11 -2.68
C ASP B 69 20.79 26.70 -1.81
N LYS B 70 20.76 28.03 -1.72
CA LYS B 70 19.72 28.71 -0.91
C LYS B 70 18.30 28.42 -1.46
N ALA B 71 18.06 28.52 -2.77
CA ALA B 71 16.75 28.16 -3.36
C ALA B 71 16.33 26.72 -2.96
N HIS B 72 17.21 25.73 -3.17
CA HIS B 72 16.90 24.28 -2.88
C HIS B 72 16.63 24.06 -1.38
N LYS B 73 17.40 24.74 -0.55
CA LYS B 73 17.23 24.75 0.91
C LYS B 73 15.88 25.37 1.26
N VAL B 74 15.46 26.44 0.56
CA VAL B 74 14.13 27.04 0.91
C VAL B 74 13.01 26.03 0.55
N LEU B 75 13.21 25.28 -0.53
CA LEU B 75 12.19 24.30 -0.95
C LEU B 75 12.22 23.08 -0.01
N LYS B 76 13.42 22.58 0.29
CA LYS B 76 13.64 21.49 1.29
C LYS B 76 12.90 21.88 2.57
N GLN B 77 12.99 23.13 3.02
CA GLN B 77 12.49 23.57 4.34
C GLN B 77 11.02 23.97 4.33
N ALA B 78 10.35 23.97 3.18
CA ALA B 78 8.97 24.53 3.06
C ALA B 78 7.91 23.53 3.56
N PHE B 79 6.92 23.95 4.33
CA PHE B 79 5.69 23.15 4.59
C PHE B 79 5.11 22.73 3.23
N GLY B 80 4.70 21.47 3.07
CA GLY B 80 4.40 20.96 1.72
C GLY B 80 2.97 21.17 1.28
N GLU B 81 2.11 21.80 2.08
CA GLU B 81 0.67 21.89 1.77
C GLU B 81 0.44 22.83 0.60
N LYS B 82 0.88 24.08 0.75
CA LYS B 82 0.79 25.17 -0.25
C LYS B 82 2.13 25.92 -0.32
N ILE B 83 2.81 25.76 -1.43
CA ILE B 83 4.06 26.49 -1.73
C ILE B 83 3.68 27.41 -2.90
N THR B 84 3.78 28.72 -2.71
CA THR B 84 3.41 29.66 -3.79
C THR B 84 4.70 30.08 -4.49
N MET B 85 4.70 29.97 -5.81
CA MET B 85 5.79 30.53 -6.62
C MET B 85 5.24 31.60 -7.58
N THR B 86 5.91 32.71 -7.62
CA THR B 86 5.74 33.73 -8.68
C THR B 86 6.78 33.52 -9.76
N ILE B 87 6.26 33.39 -10.98
CA ILE B 87 6.92 32.83 -12.19
C ILE B 87 6.85 33.87 -13.29
N ARG B 88 7.97 34.05 -13.98
CA ARG B 88 8.05 34.73 -15.27
C ARG B 88 8.30 33.63 -16.31
N ASP B 89 7.47 33.62 -17.33
CA ASP B 89 7.44 32.54 -18.33
C ASP B 89 8.72 32.60 -19.19
N ARG B 90 9.57 31.56 -19.09
CA ARG B 90 10.74 31.26 -19.98
C ARG B 90 11.34 32.53 -20.58
N PRO B 91 11.84 33.48 -19.77
CA PRO B 91 12.24 34.79 -20.25
C PRO B 91 13.43 34.74 -21.23
N PHE B 92 14.22 33.67 -21.22
CA PHE B 92 15.42 33.56 -22.11
C PHE B 92 15.03 32.88 -23.41
N GLU B 93 13.76 32.53 -23.56
CA GLU B 93 13.36 31.77 -24.76
C GLU B 93 12.39 32.59 -25.59
N ARG B 94 12.27 32.19 -26.85
CA ARG B 94 11.29 32.68 -27.84
C ARG B 94 10.74 31.50 -28.62
N THR B 95 9.56 31.64 -29.21
CA THR B 95 9.05 30.53 -30.07
C THR B 95 8.83 31.05 -31.48
N ILE B 96 9.08 30.17 -32.42
CA ILE B 96 9.04 30.44 -33.86
C ILE B 96 8.02 29.45 -34.40
N THR B 97 7.07 29.90 -35.23
CA THR B 97 6.12 28.99 -35.94
C THR B 97 6.55 28.87 -37.39
N MET B 98 6.67 27.64 -37.86
CA MET B 98 7.05 27.30 -39.25
C MET B 98 6.05 26.32 -39.89
N HIS B 99 6.11 26.13 -41.22
CA HIS B 99 5.21 25.20 -41.96
C HIS B 99 6.05 24.19 -42.74
N LYS B 100 5.78 22.91 -42.57
CA LYS B 100 6.49 21.87 -43.34
C LYS B 100 6.19 22.14 -44.82
N ASP B 101 7.18 22.01 -45.66
CA ASP B 101 7.00 22.07 -47.12
C ASP B 101 6.52 20.69 -47.55
N SER B 102 6.41 20.45 -48.85
CA SER B 102 5.83 19.20 -49.41
C SER B 102 6.75 18.02 -49.10
N THR B 103 8.04 18.23 -48.84
CA THR B 103 9.00 17.14 -48.45
C THR B 103 8.89 16.86 -46.95
N GLY B 104 8.17 17.69 -46.19
CA GLY B 104 8.01 17.50 -44.74
C GLY B 104 9.06 18.25 -43.92
N HIS B 105 9.74 19.25 -44.48
CA HIS B 105 10.89 19.96 -43.84
C HIS B 105 10.54 21.39 -43.46
N VAL B 106 11.05 21.83 -42.31
CA VAL B 106 10.90 23.26 -41.93
C VAL B 106 12.14 24.04 -42.38
N GLY B 107 13.31 23.40 -42.47
CA GLY B 107 14.48 23.99 -43.13
C GLY B 107 15.62 24.37 -42.18
N PHE B 108 16.02 23.47 -41.29
CA PHE B 108 17.28 23.66 -40.53
C PHE B 108 18.05 22.35 -40.41
N ILE B 109 19.31 22.52 -40.08
CA ILE B 109 20.18 21.40 -39.62
C ILE B 109 20.43 21.65 -38.12
N PHE B 110 20.49 20.57 -37.34
CA PHE B 110 20.86 20.69 -35.91
C PHE B 110 21.78 19.52 -35.56
N LYS B 111 22.48 19.66 -34.44
CA LYS B 111 23.40 18.68 -33.85
C LYS B 111 23.47 18.91 -32.35
N ASN B 112 23.40 17.85 -31.52
CA ASN B 112 23.29 17.93 -30.04
C ASN B 112 22.19 18.93 -29.64
N GLY B 113 21.03 18.89 -30.29
CA GLY B 113 19.92 19.78 -29.96
C GLY B 113 20.21 21.25 -30.34
N LYS B 114 21.33 21.56 -30.99
CA LYS B 114 21.67 22.96 -31.33
C LYS B 114 21.48 23.22 -32.83
N ILE B 115 20.76 24.27 -33.20
CA ILE B 115 20.57 24.68 -34.62
C ILE B 115 21.88 25.20 -35.18
N THR B 116 22.34 24.62 -36.29
CA THR B 116 23.66 24.99 -36.87
C THR B 116 23.51 25.58 -38.25
N SER B 117 22.40 25.41 -38.92
CA SER B 117 22.27 26.02 -40.26
C SER B 117 20.78 26.11 -40.65
N ILE B 118 20.49 27.16 -41.40
CA ILE B 118 19.14 27.52 -41.91
C ILE B 118 19.15 27.20 -43.40
N VAL B 119 18.21 26.39 -43.87
CA VAL B 119 18.12 26.05 -45.31
C VAL B 119 17.50 27.23 -46.06
N LYS B 120 18.09 27.58 -47.21
CA LYS B 120 17.69 28.66 -48.17
C LYS B 120 16.22 28.50 -48.63
N ASP B 121 15.41 29.55 -48.55
CA ASP B 121 14.01 29.56 -49.06
C ASP B 121 13.16 28.50 -48.35
N SER B 122 13.40 28.26 -47.06
CA SER B 122 12.59 27.39 -46.17
C SER B 122 11.62 28.21 -45.31
N SER B 123 10.69 27.53 -44.65
CA SER B 123 9.88 28.19 -43.59
C SER B 123 10.80 28.73 -42.48
N ALA B 124 11.85 27.98 -42.14
CA ALA B 124 12.78 28.39 -41.06
C ALA B 124 13.40 29.74 -41.48
N ALA B 125 13.76 29.90 -42.77
CA ALA B 125 14.35 31.15 -43.30
C ALA B 125 13.32 32.29 -43.31
N ARG B 126 12.08 32.08 -43.80
CA ARG B 126 11.09 33.20 -43.89
C ARG B 126 10.76 33.70 -42.48
N ASN B 127 10.80 32.81 -41.49
CA ASN B 127 10.41 33.12 -40.08
C ASN B 127 11.63 33.49 -39.21
N GLY B 128 12.86 33.59 -39.74
CA GLY B 128 14.02 34.17 -39.02
C GLY B 128 14.55 33.28 -37.92
N LEU B 129 14.53 31.97 -38.14
CA LEU B 129 15.10 30.99 -37.19
C LEU B 129 16.59 31.28 -37.13
N LEU B 130 17.19 31.20 -35.94
CA LEU B 130 18.65 31.47 -35.73
C LEU B 130 19.46 30.19 -35.43
N THR B 131 20.72 30.21 -35.81
CA THR B 131 21.72 29.20 -35.45
C THR B 131 22.26 29.52 -34.05
N GLU B 132 23.07 28.65 -33.50
CA GLU B 132 23.69 28.84 -32.17
C GLU B 132 22.57 28.98 -31.13
N HIS B 133 21.45 28.30 -31.36
CA HIS B 133 20.30 28.28 -30.46
C HIS B 133 20.01 26.81 -30.14
N ASN B 134 19.78 26.54 -28.89
CA ASN B 134 19.36 25.20 -28.42
C ASN B 134 17.86 25.08 -28.59
N ILE B 135 17.44 23.96 -29.11
CA ILE B 135 15.99 23.59 -29.19
C ILE B 135 15.53 23.15 -27.79
N CYS B 136 14.59 23.88 -27.16
CA CYS B 136 14.06 23.55 -25.81
C CYS B 136 12.73 22.79 -25.91
N GLU B 137 11.89 23.21 -26.84
CA GLU B 137 10.54 22.62 -26.94
C GLU B 137 10.19 22.53 -28.42
N ILE B 138 9.41 21.50 -28.76
CA ILE B 138 8.74 21.38 -30.08
C ILE B 138 7.26 21.25 -29.78
N ASN B 139 6.48 22.21 -30.25
CA ASN B 139 5.01 22.23 -30.05
C ASN B 139 4.72 22.19 -28.56
N GLY B 140 5.53 22.89 -27.75
CA GLY B 140 5.28 22.96 -26.30
C GLY B 140 5.81 21.77 -25.52
N GLN B 141 6.30 20.75 -26.21
CA GLN B 141 6.91 19.56 -25.55
C GLN B 141 8.41 19.76 -25.34
N ASN B 142 8.83 19.67 -24.08
CA ASN B 142 10.27 19.70 -23.70
C ASN B 142 10.99 18.52 -24.37
N VAL B 143 12.05 18.80 -25.13
CA VAL B 143 12.90 17.80 -25.81
C VAL B 143 14.37 17.85 -25.33
N ILE B 144 14.65 18.52 -24.20
CA ILE B 144 16.02 18.65 -23.63
C ILE B 144 16.47 17.31 -23.02
N GLY B 145 17.65 16.84 -23.43
CA GLY B 145 18.26 15.56 -23.06
C GLY B 145 17.89 14.44 -24.03
N LEU B 146 16.91 14.65 -24.92
CA LEU B 146 16.61 13.69 -26.00
C LEU B 146 17.76 13.65 -27.00
N LYS B 147 17.93 12.50 -27.67
CA LYS B 147 18.92 12.31 -28.77
C LYS B 147 18.40 12.96 -30.04
N ASP B 148 19.30 13.41 -30.89
CA ASP B 148 18.90 14.08 -32.15
C ASP B 148 17.89 13.24 -32.93
N SER B 149 17.98 11.93 -32.87
CA SER B 149 17.03 11.08 -33.64
C SER B 149 15.64 11.26 -33.03
N GLN B 150 15.57 11.35 -31.71
CA GLN B 150 14.27 11.52 -30.99
C GLN B 150 13.67 12.87 -31.39
N ILE B 151 14.47 13.93 -31.45
CA ILE B 151 13.95 15.28 -31.85
C ILE B 151 13.48 15.20 -33.31
N ALA B 152 14.29 14.63 -34.20
CA ALA B 152 13.92 14.38 -35.61
C ALA B 152 12.56 13.67 -35.69
N ASP B 153 12.36 12.60 -34.93
CA ASP B 153 11.13 11.77 -34.96
C ASP B 153 9.94 12.63 -34.51
N ILE B 154 10.13 13.42 -33.45
CA ILE B 154 9.06 14.32 -32.95
C ILE B 154 8.70 15.33 -34.05
N LEU B 155 9.70 15.90 -34.75
CA LEU B 155 9.46 16.85 -35.85
C LEU B 155 8.66 16.12 -36.94
N SER B 156 9.02 14.88 -37.29
CA SER B 156 8.34 14.10 -38.36
C SER B 156 6.89 13.82 -37.93
N THR B 157 6.65 13.50 -36.65
CA THR B 157 5.29 13.14 -36.19
C THR B 157 4.48 14.42 -35.97
N SER B 158 5.10 15.60 -35.97
CA SER B 158 4.31 16.85 -35.85
C SER B 158 3.44 16.99 -37.10
N GLY B 159 2.33 17.72 -37.00
CA GLY B 159 1.57 18.14 -38.20
C GLY B 159 2.35 19.19 -38.97
N THR B 160 1.76 19.78 -40.00
CA THR B 160 2.44 20.77 -40.88
C THR B 160 2.89 22.01 -40.08
N VAL B 161 2.06 22.45 -39.16
CA VAL B 161 2.35 23.65 -38.33
C VAL B 161 3.26 23.21 -37.18
N VAL B 162 4.51 23.68 -37.19
CA VAL B 162 5.54 23.31 -36.16
C VAL B 162 5.99 24.59 -35.43
N THR B 163 5.90 24.56 -34.10
CA THR B 163 6.35 25.65 -33.21
C THR B 163 7.60 25.15 -32.47
N ILE B 164 8.69 25.92 -32.53
CA ILE B 164 9.98 25.60 -31.84
C ILE B 164 10.27 26.71 -30.82
N THR B 165 10.71 26.31 -29.64
CA THR B 165 11.07 27.21 -28.53
C THR B 165 12.59 27.12 -28.41
N ILE B 166 13.27 28.25 -28.64
CA ILE B 166 14.74 28.24 -28.78
C ILE B 166 15.32 29.07 -27.66
N MET B 167 16.58 28.81 -27.31
CA MET B 167 17.33 29.62 -26.32
C MET B 167 18.74 29.82 -26.89
N PRO B 168 19.32 31.05 -26.82
CA PRO B 168 20.74 31.21 -27.17
C PRO B 168 21.59 30.17 -26.44
N ALA B 169 22.45 29.50 -27.21
CA ALA B 169 23.28 28.38 -26.72
C ALA B 169 24.10 28.75 -25.47
N PHE B 170 24.69 29.94 -25.46
N PHE B 170 24.73 29.92 -25.46
CA PHE B 170 25.54 30.41 -24.33
CA PHE B 170 25.55 30.39 -24.30
C PHE B 170 24.71 30.43 -23.04
C PHE B 170 24.70 30.40 -23.03
N ILE B 171 23.43 30.81 -23.13
CA ILE B 171 22.53 30.84 -21.94
C ILE B 171 22.11 29.39 -21.63
N PHE B 172 21.79 28.57 -22.62
CA PHE B 172 21.46 27.12 -22.40
C PHE B 172 22.61 26.41 -21.65
N GLU B 173 23.80 26.41 -22.21
CA GLU B 173 25.00 25.83 -21.56
C GLU B 173 25.18 26.34 -20.11
N HIS B 174 24.88 27.59 -19.78
CA HIS B 174 24.94 28.14 -18.39
C HIS B 174 23.86 27.52 -17.49
N ILE B 175 22.63 27.42 -17.98
CA ILE B 175 21.46 26.95 -17.17
C ILE B 175 21.66 25.48 -16.80
N ILE B 176 22.38 24.69 -17.60
CA ILE B 176 22.50 23.22 -17.35
C ILE B 176 23.77 22.88 -16.54
N LYS B 177 24.71 23.79 -16.38
CA LYS B 177 25.83 23.65 -15.39
C LYS B 177 25.30 23.21 -14.00
N ARG B 178 26.10 22.43 -13.27
CA ARG B 178 25.81 21.86 -11.92
C ARG B 178 24.67 20.84 -12.01
N MET B 179 24.49 20.16 -13.16
CA MET B 179 23.49 19.06 -13.27
C MET B 179 24.13 17.93 -14.09
N ALA B 180 24.21 16.73 -13.52
CA ALA B 180 24.79 15.52 -14.16
C ALA B 180 24.03 15.28 -15.45
N PRO B 181 24.68 15.22 -16.62
CA PRO B 181 23.97 14.95 -17.88
C PRO B 181 23.01 13.76 -17.86
N SER B 182 23.16 12.85 -16.91
CA SER B 182 22.42 11.57 -16.84
C SER B 182 21.18 11.78 -15.97
N ILE B 183 21.21 12.77 -15.07
CA ILE B 183 19.97 13.30 -14.41
C ILE B 183 19.08 13.96 -15.48
N MET B 184 19.68 14.85 -16.27
CA MET B 184 18.98 15.73 -17.24
C MET B 184 18.41 14.84 -18.36
N LYS B 185 18.98 13.67 -18.58
CA LYS B 185 18.49 12.70 -19.59
C LYS B 185 17.39 11.77 -19.02
N SER B 186 17.57 11.28 -17.80
CA SER B 186 16.66 10.28 -17.18
C SER B 186 15.41 10.96 -16.62
N LEU B 187 15.53 12.18 -16.08
CA LEU B 187 14.45 12.80 -15.28
C LEU B 187 13.65 13.88 -16.02
N MET B 188 14.18 14.55 -17.03
CA MET B 188 13.49 15.72 -17.65
C MET B 188 12.09 15.30 -18.10
N ASP B 189 11.11 16.13 -17.80
CA ASP B 189 9.71 16.03 -18.24
C ASP B 189 9.66 16.20 -19.74
N HIS B 190 8.93 15.33 -20.41
CA HIS B 190 8.72 15.36 -21.88
C HIS B 190 7.24 15.16 -22.15
N THR B 191 6.37 15.46 -21.20
CA THR B 191 4.91 15.38 -21.40
C THR B 191 4.44 16.26 -22.56
N ILE B 192 3.46 15.76 -23.28
CA ILE B 192 2.72 16.54 -24.28
C ILE B 192 1.75 17.45 -23.52
N PRO B 193 1.78 18.77 -23.86
CA PRO B 193 0.86 19.74 -23.29
C PRO B 193 -0.59 19.28 -23.39
N GLU B 194 -1.30 19.41 -22.28
CA GLU B 194 -2.72 19.03 -22.08
C GLU B 194 -3.56 20.30 -22.11
N VAL B 195 -4.84 20.20 -22.46
CA VAL B 195 -5.81 21.29 -22.17
C VAL B 195 -6.77 20.77 -21.11
N ALA C 3 -14.49 -6.78 27.22
CA ALA C 3 -13.99 -6.33 25.86
C ALA C 3 -13.25 -4.98 26.01
N GLU C 4 -13.96 -3.89 26.37
CA GLU C 4 -13.47 -2.48 26.26
C GLU C 4 -12.26 -2.30 27.19
N ILE C 5 -11.18 -1.65 26.70
CA ILE C 5 -9.86 -1.47 27.42
C ILE C 5 -10.06 -0.46 28.56
N LYS C 6 -10.28 -0.97 29.79
CA LYS C 6 -10.32 -0.17 31.06
C LYS C 6 -8.90 0.32 31.33
N GLN C 7 -8.73 1.64 31.33
CA GLN C 7 -7.43 2.37 31.39
C GLN C 7 -6.96 2.50 32.85
N GLY C 8 -5.68 2.83 33.05
CA GLY C 8 -5.07 2.82 34.38
C GLY C 8 -4.76 1.37 34.77
N ILE C 9 -4.51 1.22 36.05
CA ILE C 9 -3.69 0.16 36.69
C ILE C 9 -4.60 -0.49 37.74
N ARG C 10 -4.57 -1.81 37.88
CA ARG C 10 -5.30 -2.47 38.98
C ARG C 10 -4.40 -3.51 39.63
N GLU C 11 -4.71 -3.85 40.89
CA GLU C 11 -4.02 -4.94 41.65
C GLU C 11 -4.79 -6.23 41.41
N VAL C 12 -4.12 -7.36 41.17
CA VAL C 12 -4.76 -8.71 41.28
C VAL C 12 -4.00 -9.55 42.33
N ILE C 13 -4.75 -10.46 42.96
CA ILE C 13 -4.30 -11.36 44.08
C ILE C 13 -4.59 -12.79 43.60
N LEU C 14 -3.57 -13.63 43.49
CA LEU C 14 -3.69 -15.01 42.93
C LEU C 14 -3.17 -15.95 44.00
N CYS C 15 -3.62 -17.21 43.95
CA CYS C 15 -2.98 -18.36 44.63
C CYS C 15 -2.59 -19.41 43.59
N LYS C 16 -1.41 -20.02 43.79
CA LYS C 16 -0.97 -21.23 43.02
C LYS C 16 -2.04 -22.31 43.15
N ASP C 17 -2.32 -23.07 42.10
CA ASP C 17 -3.31 -24.18 42.20
C ASP C 17 -2.68 -25.38 42.88
N GLN C 18 -3.38 -26.51 42.86
CA GLN C 18 -2.97 -27.78 43.49
C GLN C 18 -1.61 -28.24 42.95
N ASP C 19 -1.27 -27.89 41.69
CA ASP C 19 0.00 -28.29 41.02
C ASP C 19 1.08 -27.19 41.16
N GLY C 20 0.90 -26.19 42.04
CA GLY C 20 1.84 -25.04 42.20
C GLY C 20 1.94 -24.14 40.97
N LYS C 21 0.87 -23.99 40.19
CA LYS C 21 0.86 -23.21 38.92
C LYS C 21 -0.15 -22.06 39.04
N ILE C 22 0.07 -20.94 38.33
CA ILE C 22 -0.97 -19.89 38.12
C ILE C 22 -1.45 -19.89 36.66
N GLY C 23 -0.72 -20.48 35.73
CA GLY C 23 -1.21 -20.63 34.34
C GLY C 23 -0.90 -19.42 33.48
N LEU C 24 0.34 -18.93 33.54
CA LEU C 24 0.86 -17.75 32.82
C LEU C 24 2.11 -18.13 32.05
N ARG C 25 2.30 -17.52 30.89
CA ARG C 25 3.64 -17.34 30.30
C ARG C 25 3.81 -15.85 30.10
N LEU C 26 4.98 -15.34 30.44
CA LEU C 26 5.26 -13.88 30.44
C LEU C 26 6.41 -13.63 29.48
N LYS C 27 6.56 -12.39 29.00
CA LYS C 27 7.54 -12.05 27.93
C LYS C 27 8.07 -10.62 28.10
N SER C 28 9.38 -10.44 27.86
CA SER C 28 10.06 -9.12 27.90
C SER C 28 9.79 -8.43 26.58
N ILE C 29 9.17 -7.24 26.60
CA ILE C 29 8.90 -6.35 25.45
C ILE C 29 9.25 -4.93 25.90
N ASP C 30 10.24 -4.30 25.26
CA ASP C 30 10.53 -2.85 25.46
C ASP C 30 10.77 -2.58 26.96
N ASN C 31 11.47 -3.48 27.67
CA ASN C 31 11.84 -3.39 29.11
C ASN C 31 10.63 -3.33 30.06
N GLY C 32 9.49 -3.80 29.57
CA GLY C 32 8.37 -4.22 30.42
C GLY C 32 8.18 -5.73 30.36
N ILE C 33 7.18 -6.23 31.09
CA ILE C 33 6.80 -7.64 31.07
C ILE C 33 5.34 -7.77 30.66
N PHE C 34 5.07 -8.62 29.69
CA PHE C 34 3.71 -8.83 29.14
C PHE C 34 3.27 -10.28 29.23
N VAL C 35 1.97 -10.51 29.29
CA VAL C 35 1.32 -11.85 29.24
C VAL C 35 1.24 -12.35 27.80
N GLN C 36 1.97 -13.42 27.47
CA GLN C 36 2.03 -14.05 26.13
C GLN C 36 1.10 -15.30 26.10
N LEU C 37 0.67 -15.76 27.26
CA LEU C 37 -0.35 -16.83 27.33
C LEU C 37 -0.97 -16.89 28.72
N VAL C 38 -2.27 -17.06 28.72
CA VAL C 38 -3.07 -17.37 29.92
C VAL C 38 -3.71 -18.72 29.62
N GLN C 39 -3.60 -19.67 30.55
CA GLN C 39 -4.28 -21.00 30.37
C GLN C 39 -5.73 -20.98 30.84
N ALA C 40 -6.63 -21.65 30.13
CA ALA C 40 -8.04 -21.81 30.56
C ALA C 40 -8.10 -22.46 31.95
N ASN C 41 -9.06 -22.04 32.78
N ASN C 41 -9.16 -22.15 32.70
CA ASN C 41 -9.42 -22.71 34.06
CA ASN C 41 -9.45 -22.58 34.10
C ASN C 41 -8.34 -22.45 35.13
C ASN C 41 -8.14 -22.70 34.89
N SER C 42 -7.31 -21.67 34.80
CA SER C 42 -6.10 -21.44 35.64
C SER C 42 -6.40 -20.31 36.61
N PRO C 43 -5.67 -20.19 37.75
CA PRO C 43 -5.84 -19.07 38.65
C PRO C 43 -5.73 -17.71 37.92
N ALA C 44 -4.78 -17.61 36.96
CA ALA C 44 -4.58 -16.36 36.16
C ALA C 44 -5.87 -16.04 35.39
N SER C 45 -6.47 -16.99 34.66
CA SER C 45 -7.68 -16.64 33.87
C SER C 45 -8.76 -16.15 34.84
N LEU C 46 -8.97 -16.92 35.91
CA LEU C 46 -10.05 -16.71 36.89
C LEU C 46 -10.04 -15.31 37.52
N VAL C 47 -8.87 -14.71 37.75
CA VAL C 47 -8.79 -13.33 38.35
C VAL C 47 -8.88 -12.28 37.23
N GLY C 48 -8.96 -12.71 35.97
CA GLY C 48 -9.19 -11.83 34.82
C GLY C 48 -7.92 -11.34 34.11
N LEU C 49 -6.79 -12.04 34.20
CA LEU C 49 -5.65 -11.74 33.32
C LEU C 49 -5.90 -12.18 31.89
N ARG C 50 -5.35 -11.41 30.98
CA ARG C 50 -5.55 -11.58 29.53
C ARG C 50 -4.21 -11.43 28.87
N PHE C 51 -4.09 -12.13 27.76
CA PHE C 51 -3.08 -11.90 26.70
C PHE C 51 -2.86 -10.41 26.55
N GLY C 52 -1.63 -9.94 26.46
CA GLY C 52 -1.39 -8.55 26.16
C GLY C 52 -1.33 -7.70 27.41
N ASP C 53 -1.74 -8.19 28.58
CA ASP C 53 -1.66 -7.40 29.85
C ASP C 53 -0.18 -7.15 30.19
N GLN C 54 0.10 -5.95 30.71
CA GLN C 54 1.42 -5.53 31.22
C GLN C 54 1.42 -5.77 32.71
N VAL C 55 2.46 -6.44 33.18
CA VAL C 55 2.75 -6.66 34.63
C VAL C 55 3.79 -5.62 35.08
N LEU C 56 3.37 -4.67 35.90
CA LEU C 56 4.23 -3.54 36.38
C LEU C 56 5.03 -4.00 37.61
N GLN C 57 4.39 -4.74 38.53
CA GLN C 57 4.97 -5.25 39.81
C GLN C 57 4.48 -6.70 40.09
N ILE C 58 5.35 -7.52 40.69
CA ILE C 58 5.03 -8.85 41.28
C ILE C 58 5.40 -8.76 42.76
N ASN C 59 4.47 -9.00 43.68
CA ASN C 59 4.75 -8.85 45.15
C ASN C 59 5.49 -7.51 45.41
N GLY C 60 5.07 -6.43 44.75
CA GLY C 60 5.49 -5.03 44.99
C GLY C 60 6.87 -4.67 44.49
N GLU C 61 7.60 -5.56 43.82
CA GLU C 61 8.86 -5.26 43.09
C GLU C 61 8.52 -4.88 41.65
N ASN C 62 9.26 -3.93 41.08
CA ASN C 62 9.06 -3.43 39.69
C ASN C 62 9.55 -4.50 38.70
N CYS C 63 8.76 -4.80 37.65
CA CYS C 63 9.19 -5.73 36.57
C CYS C 63 10.07 -5.03 35.54
N ALA C 64 10.20 -3.70 35.59
CA ALA C 64 10.96 -2.96 34.56
C ALA C 64 12.33 -3.62 34.35
N GLY C 65 12.61 -3.97 33.10
CA GLY C 65 13.93 -4.49 32.70
C GLY C 65 14.14 -5.97 32.99
N TRP C 66 13.19 -6.69 33.59
CA TRP C 66 13.34 -8.15 33.79
C TRP C 66 13.32 -8.88 32.44
N SER C 67 14.20 -9.85 32.26
CA SER C 67 14.07 -10.89 31.22
C SER C 67 12.83 -11.74 31.47
N SER C 68 12.29 -12.34 30.42
CA SER C 68 11.24 -13.37 30.54
C SER C 68 11.66 -14.42 31.60
N ASP C 69 12.90 -14.93 31.54
CA ASP C 69 13.42 -15.99 32.47
C ASP C 69 13.37 -15.47 33.92
N LYS C 70 13.76 -14.23 34.13
CA LYS C 70 13.77 -13.67 35.50
C LYS C 70 12.33 -13.61 36.00
N ALA C 71 11.39 -13.18 35.15
CA ALA C 71 9.97 -13.04 35.54
C ALA C 71 9.43 -14.40 35.95
N HIS C 72 9.79 -15.45 35.22
CA HIS C 72 9.35 -16.86 35.47
C HIS C 72 10.02 -17.38 36.74
N LYS C 73 11.31 -17.13 36.91
CA LYS C 73 12.02 -17.58 38.13
C LYS C 73 11.38 -16.92 39.36
N VAL C 74 11.11 -15.61 39.35
CA VAL C 74 10.45 -14.93 40.51
C VAL C 74 9.12 -15.61 40.83
N LEU C 75 8.28 -15.82 39.81
CA LEU C 75 6.95 -16.45 40.07
C LEU C 75 7.13 -17.92 40.57
N LYS C 76 8.05 -18.67 40.00
CA LYS C 76 8.25 -20.10 40.36
C LYS C 76 8.64 -20.22 41.84
N GLN C 77 9.36 -19.21 42.38
CA GLN C 77 9.94 -19.18 43.76
C GLN C 77 8.99 -18.57 44.77
N ALA C 78 7.90 -17.96 44.31
CA ALA C 78 6.99 -17.16 45.15
C ALA C 78 6.15 -18.12 45.98
N PHE C 79 6.37 -18.12 47.30
CA PHE C 79 5.62 -18.97 48.27
C PHE C 79 5.21 -18.14 49.48
N GLY C 80 4.66 -16.94 49.27
CA GLY C 80 3.76 -16.32 50.25
C GLY C 80 2.52 -17.18 50.38
N GLU C 81 1.39 -16.63 50.81
CA GLU C 81 0.05 -17.29 50.72
C GLU C 81 -0.59 -16.90 49.37
N LYS C 82 -0.48 -15.62 49.03
CA LYS C 82 -1.02 -14.99 47.82
C LYS C 82 0.16 -14.46 46.98
N ILE C 83 -0.06 -14.29 45.68
CA ILE C 83 0.80 -13.50 44.76
C ILE C 83 0.00 -12.23 44.43
N THR C 84 0.63 -11.06 44.56
CA THR C 84 0.05 -9.75 44.15
C THR C 84 0.76 -9.33 42.87
N MET C 85 -0.03 -8.82 41.94
CA MET C 85 0.47 -8.32 40.63
C MET C 85 -0.20 -6.97 40.41
N THR C 86 0.59 -5.99 40.03
CA THR C 86 0.07 -4.73 39.48
C THR C 86 0.10 -4.81 37.94
N ILE C 87 -1.05 -4.51 37.33
CA ILE C 87 -1.41 -4.75 35.92
C ILE C 87 -1.89 -3.45 35.26
N ARG C 88 -1.44 -3.22 34.03
CA ARG C 88 -2.03 -2.23 33.11
C ARG C 88 -2.72 -3.00 31.99
N ASP C 89 -3.95 -2.62 31.70
CA ASP C 89 -4.90 -3.35 30.83
C ASP C 89 -4.41 -3.29 29.39
N ARG C 90 -4.09 -4.45 28.83
CA ARG C 90 -3.78 -4.66 27.38
C ARG C 90 -3.23 -3.39 26.69
N PRO C 91 -2.07 -2.82 27.08
CA PRO C 91 -1.65 -1.48 26.62
C PRO C 91 -1.38 -1.35 25.11
N PHE C 92 -1.08 -2.45 24.39
CA PHE C 92 -0.75 -2.46 22.94
C PHE C 92 -2.04 -2.68 22.14
N GLU C 93 -3.20 -2.85 22.80
CA GLU C 93 -4.43 -3.21 22.05
C GLU C 93 -5.42 -2.05 22.06
N ARG C 94 -6.31 -2.03 21.06
N ARG C 94 -6.34 -2.04 21.08
CA ARG C 94 -7.52 -1.16 20.99
CA ARG C 94 -7.51 -1.11 21.02
C ARG C 94 -8.73 -2.00 20.63
C ARG C 94 -8.72 -1.86 20.47
N THR C 95 -9.94 -1.53 20.92
CA THR C 95 -11.19 -2.19 20.46
C THR C 95 -11.93 -1.27 19.49
N ILE C 96 -12.46 -1.85 18.43
CA ILE C 96 -13.30 -1.18 17.40
C ILE C 96 -14.65 -1.86 17.43
N THR C 97 -15.69 -1.06 17.47
CA THR C 97 -17.08 -1.54 17.28
C THR C 97 -17.59 -1.21 15.89
N MET C 98 -18.12 -2.23 15.24
CA MET C 98 -18.73 -2.23 13.90
C MET C 98 -20.12 -2.89 13.99
N HIS C 99 -20.95 -2.67 12.97
CA HIS C 99 -22.35 -3.17 12.85
C HIS C 99 -22.40 -3.96 11.53
N LYS C 100 -22.93 -5.18 11.48
CA LYS C 100 -22.82 -5.90 10.18
C LYS C 100 -23.80 -5.29 9.17
N ASP C 101 -23.47 -5.35 7.89
CA ASP C 101 -24.38 -4.90 6.79
C ASP C 101 -25.58 -5.84 6.75
N SER C 102 -26.50 -5.64 5.81
CA SER C 102 -27.79 -6.37 5.64
C SER C 102 -27.52 -7.86 5.43
N THR C 103 -26.41 -8.19 4.77
CA THR C 103 -25.97 -9.59 4.47
C THR C 103 -25.08 -10.15 5.60
N GLY C 104 -24.87 -9.45 6.72
CA GLY C 104 -24.17 -10.02 7.89
C GLY C 104 -22.66 -10.08 7.78
N HIS C 105 -22.03 -9.13 7.09
CA HIS C 105 -20.56 -8.90 7.06
C HIS C 105 -20.24 -7.56 7.72
N VAL C 106 -19.11 -7.50 8.42
CA VAL C 106 -18.61 -6.27 9.13
C VAL C 106 -17.75 -5.42 8.19
N GLY C 107 -17.09 -6.09 7.24
CA GLY C 107 -16.43 -5.52 6.05
C GLY C 107 -14.90 -5.60 6.08
N PHE C 108 -14.32 -6.76 6.39
CA PHE C 108 -12.84 -6.91 6.44
C PHE C 108 -12.47 -8.33 6.06
N ILE C 109 -11.29 -8.50 5.48
CA ILE C 109 -10.68 -9.83 5.21
C ILE C 109 -9.53 -10.02 6.19
N PHE C 110 -9.38 -11.26 6.66
CA PHE C 110 -8.26 -11.69 7.53
C PHE C 110 -7.70 -13.01 6.97
N LYS C 111 -6.45 -13.33 7.33
CA LYS C 111 -5.72 -14.58 7.04
C LYS C 111 -4.79 -14.85 8.24
N ASN C 112 -4.91 -16.00 8.90
CA ASN C 112 -4.14 -16.33 10.14
C ASN C 112 -4.33 -15.20 11.18
N GLY C 113 -5.57 -14.79 11.42
CA GLY C 113 -5.99 -13.83 12.47
C GLY C 113 -5.51 -12.41 12.18
N LYS C 114 -4.86 -12.18 11.06
CA LYS C 114 -4.39 -10.82 10.71
C LYS C 114 -5.30 -10.19 9.65
N ILE C 115 -5.75 -8.98 9.92
CA ILE C 115 -6.62 -8.21 8.99
C ILE C 115 -5.78 -7.78 7.79
N THR C 116 -6.26 -8.09 6.58
CA THR C 116 -5.46 -7.95 5.34
C THR C 116 -6.14 -6.98 4.36
N SER C 117 -7.47 -6.80 4.44
CA SER C 117 -8.10 -5.70 3.68
C SER C 117 -9.38 -5.23 4.34
N ILE C 118 -9.74 -3.97 4.08
CA ILE C 118 -10.97 -3.28 4.55
C ILE C 118 -11.89 -3.04 3.35
N VAL C 119 -13.18 -3.35 3.47
CA VAL C 119 -14.13 -3.21 2.33
C VAL C 119 -14.57 -1.75 2.31
N LYS C 120 -14.58 -1.16 1.10
CA LYS C 120 -15.13 0.20 0.85
C LYS C 120 -16.58 0.25 1.35
N ASP C 121 -16.91 1.28 2.14
CA ASP C 121 -18.30 1.63 2.54
C ASP C 121 -18.84 0.58 3.52
N SER C 122 -17.96 -0.09 4.25
CA SER C 122 -18.33 -1.03 5.34
C SER C 122 -18.31 -0.27 6.66
N SER C 123 -18.90 -0.88 7.68
CA SER C 123 -18.80 -0.41 9.08
C SER C 123 -17.33 -0.44 9.50
N ALA C 124 -16.59 -1.45 9.05
CA ALA C 124 -15.14 -1.53 9.27
C ALA C 124 -14.48 -0.22 8.80
N ALA C 125 -14.69 0.12 7.54
CA ALA C 125 -14.14 1.35 6.91
C ALA C 125 -14.59 2.56 7.74
N ARG C 126 -15.90 2.73 7.98
CA ARG C 126 -16.49 3.91 8.69
C ARG C 126 -15.85 4.05 10.06
N ASN C 127 -15.53 2.93 10.71
CA ASN C 127 -14.93 2.95 12.07
C ASN C 127 -13.40 2.89 12.03
N GLY C 128 -12.77 2.78 10.85
CA GLY C 128 -11.33 3.00 10.69
C GLY C 128 -10.55 1.81 11.23
N LEU C 129 -11.08 0.60 11.00
CA LEU C 129 -10.33 -0.65 11.24
C LEU C 129 -9.09 -0.64 10.35
N LEU C 130 -7.98 -1.16 10.81
CA LEU C 130 -6.69 -1.10 10.08
C LEU C 130 -6.28 -2.50 9.68
N THR C 131 -5.50 -2.58 8.60
CA THR C 131 -4.80 -3.79 8.14
C THR C 131 -3.52 -3.88 8.91
N GLU C 132 -2.78 -4.97 8.70
CA GLU C 132 -1.52 -5.24 9.41
C GLU C 132 -1.78 -5.16 10.92
N HIS C 133 -2.97 -5.61 11.33
CA HIS C 133 -3.34 -5.76 12.77
C HIS C 133 -3.81 -7.20 13.04
N ASN C 134 -3.40 -7.79 14.15
CA ASN C 134 -3.92 -9.14 14.56
C ASN C 134 -5.17 -9.00 15.41
N ILE C 135 -6.13 -9.91 15.18
CA ILE C 135 -7.39 -10.00 15.96
C ILE C 135 -7.01 -10.78 17.21
N CYS C 136 -7.11 -10.16 18.40
CA CYS C 136 -6.80 -10.75 19.71
C CYS C 136 -8.08 -11.27 20.39
N GLU C 137 -9.21 -10.58 20.19
CA GLU C 137 -10.46 -10.92 20.84
C GLU C 137 -11.63 -10.50 19.95
N ILE C 138 -12.75 -11.25 20.09
CA ILE C 138 -14.05 -10.88 19.49
C ILE C 138 -15.04 -10.81 20.62
N ASN C 139 -15.68 -9.66 20.78
CA ASN C 139 -16.64 -9.40 21.88
C ASN C 139 -16.03 -9.93 23.15
N GLY C 140 -14.75 -9.63 23.41
CA GLY C 140 -14.08 -9.91 24.70
C GLY C 140 -13.60 -11.36 24.84
N GLN C 141 -13.82 -12.20 23.82
CA GLN C 141 -13.31 -13.59 23.84
C GLN C 141 -11.98 -13.69 23.06
N ASN C 142 -10.93 -14.10 23.75
CA ASN C 142 -9.59 -14.37 23.15
C ASN C 142 -9.77 -15.35 21.96
N VAL C 143 -9.17 -15.09 20.81
CA VAL C 143 -9.24 -16.05 19.68
C VAL C 143 -7.84 -16.36 19.13
N ILE C 144 -6.83 -16.08 19.92
CA ILE C 144 -5.42 -16.25 19.48
C ILE C 144 -5.14 -17.73 19.48
N GLY C 145 -4.73 -18.27 18.34
CA GLY C 145 -4.48 -19.71 18.24
C GLY C 145 -5.59 -20.39 17.48
N LEU C 146 -6.81 -19.87 17.43
CA LEU C 146 -7.93 -20.51 16.67
C LEU C 146 -7.66 -20.46 15.15
N LYS C 147 -8.20 -21.41 14.39
CA LYS C 147 -8.18 -21.36 12.89
C LYS C 147 -9.01 -20.19 12.37
N ASP C 148 -8.75 -19.78 11.13
CA ASP C 148 -9.60 -18.77 10.49
C ASP C 148 -11.05 -19.25 10.50
N SER C 149 -11.33 -20.53 10.19
CA SER C 149 -12.72 -21.05 10.13
C SER C 149 -13.37 -20.90 11.50
N GLN C 150 -12.64 -21.09 12.59
CA GLN C 150 -13.19 -20.87 13.94
C GLN C 150 -13.50 -19.37 14.20
N ILE C 151 -12.57 -18.48 13.86
CA ILE C 151 -12.76 -17.01 14.04
C ILE C 151 -13.99 -16.59 13.22
N ALA C 152 -14.07 -16.98 11.97
CA ALA C 152 -15.27 -16.69 11.16
C ALA C 152 -16.55 -17.32 11.76
N ASP C 153 -16.52 -18.52 12.34
CA ASP C 153 -17.74 -19.12 12.96
C ASP C 153 -18.17 -18.21 14.12
N ILE C 154 -17.21 -17.70 14.91
CA ILE C 154 -17.49 -16.80 16.06
C ILE C 154 -18.13 -15.51 15.54
N LEU C 155 -17.61 -14.94 14.46
CA LEU C 155 -18.17 -13.69 13.91
C LEU C 155 -19.65 -13.89 13.50
N SER C 156 -19.96 -15.00 12.82
CA SER C 156 -21.33 -15.37 12.33
C SER C 156 -22.29 -15.39 13.50
N THR C 157 -21.88 -15.99 14.62
CA THR C 157 -22.74 -16.19 15.82
C THR C 157 -22.64 -15.06 16.85
N SER C 158 -21.94 -13.97 16.49
CA SER C 158 -22.00 -12.67 17.21
C SER C 158 -23.25 -11.95 16.70
N GLY C 159 -23.81 -11.01 17.47
CA GLY C 159 -24.99 -10.26 16.99
C GLY C 159 -24.65 -9.45 15.77
N THR C 160 -25.37 -8.35 15.58
CA THR C 160 -25.12 -7.44 14.45
C THR C 160 -23.98 -6.49 14.86
N VAL C 161 -23.76 -6.37 16.17
CA VAL C 161 -22.76 -5.45 16.78
C VAL C 161 -21.58 -6.28 17.27
N VAL C 162 -20.44 -6.01 16.67
CA VAL C 162 -19.21 -6.83 16.78
C VAL C 162 -18.08 -5.91 17.26
N THR C 163 -17.54 -6.22 18.42
CA THR C 163 -16.37 -5.53 18.98
C THR C 163 -15.14 -6.39 18.68
N ILE C 164 -14.15 -5.82 18.02
CA ILE C 164 -12.87 -6.55 17.74
C ILE C 164 -11.77 -5.88 18.55
N THR C 165 -10.94 -6.65 19.22
CA THR C 165 -9.76 -6.13 19.94
C THR C 165 -8.57 -6.40 19.07
N ILE C 166 -7.83 -5.35 18.69
CA ILE C 166 -6.72 -5.50 17.73
C ILE C 166 -5.38 -5.05 18.31
N MET C 167 -4.32 -5.54 17.69
CA MET C 167 -2.91 -5.25 18.09
C MET C 167 -2.13 -5.09 16.79
N PRO C 168 -1.24 -4.06 16.64
CA PRO C 168 -0.39 -3.93 15.48
C PRO C 168 0.43 -5.21 15.31
N ALA C 169 0.49 -5.69 14.06
CA ALA C 169 0.96 -7.06 13.78
C ALA C 169 2.41 -7.27 14.24
N PHE C 170 3.25 -6.24 14.16
N PHE C 170 3.27 -6.27 14.11
CA PHE C 170 4.71 -6.31 14.49
CA PHE C 170 4.71 -6.33 14.50
C PHE C 170 4.90 -6.40 16.01
C PHE C 170 4.81 -6.56 16.01
N ILE C 171 3.95 -5.91 16.80
CA ILE C 171 3.97 -6.05 18.28
C ILE C 171 3.49 -7.47 18.62
N PHE C 172 2.53 -7.98 17.88
CA PHE C 172 1.87 -9.28 18.19
C PHE C 172 2.88 -10.43 17.96
N GLU C 173 3.63 -10.29 16.89
CA GLU C 173 4.65 -11.28 16.45
C GLU C 173 5.78 -11.28 17.46
N HIS C 174 6.07 -10.13 18.02
CA HIS C 174 7.14 -10.01 19.06
C HIS C 174 6.64 -10.68 20.35
N ILE C 175 5.37 -10.46 20.73
CA ILE C 175 4.82 -11.01 21.99
C ILE C 175 4.85 -12.53 21.92
N ILE C 176 4.57 -13.13 20.76
CA ILE C 176 4.39 -14.61 20.69
C ILE C 176 5.72 -15.34 20.41
N LYS C 177 6.84 -14.63 20.37
CA LYS C 177 8.16 -15.28 20.24
C LYS C 177 8.41 -16.04 21.53
N ARG C 178 9.29 -17.05 21.48
CA ARG C 178 9.66 -17.91 22.63
C ARG C 178 8.47 -18.81 22.92
N MET C 179 7.54 -19.02 21.97
CA MET C 179 6.36 -19.88 22.19
C MET C 179 6.09 -20.73 20.93
N ALA C 180 5.99 -22.06 21.04
CA ALA C 180 5.64 -22.94 19.90
C ALA C 180 4.18 -22.67 19.53
N PRO C 181 3.88 -22.47 18.22
CA PRO C 181 2.49 -22.30 17.77
C PRO C 181 1.57 -23.38 18.33
N SER C 182 2.01 -24.64 18.35
CA SER C 182 1.23 -25.82 18.86
C SER C 182 0.89 -25.68 20.35
N ILE C 183 1.80 -25.11 21.14
CA ILE C 183 1.56 -24.84 22.60
C ILE C 183 0.53 -23.73 22.73
N MET C 184 0.72 -22.65 21.99
CA MET C 184 -0.21 -21.50 22.08
C MET C 184 -1.59 -22.00 21.62
N LYS C 185 -1.67 -22.67 20.48
CA LYS C 185 -2.91 -23.27 19.93
C LYS C 185 -3.63 -24.09 21.02
N SER C 186 -2.92 -24.95 21.74
CA SER C 186 -3.48 -25.97 22.66
C SER C 186 -3.91 -25.40 24.01
N LEU C 187 -3.17 -24.46 24.57
CA LEU C 187 -3.31 -23.99 25.98
C LEU C 187 -3.95 -22.60 26.12
N MET C 188 -3.94 -21.73 25.08
CA MET C 188 -4.54 -20.37 25.17
C MET C 188 -6.04 -20.40 25.59
N ASP C 189 -6.31 -19.74 26.71
CA ASP C 189 -7.64 -19.41 27.23
C ASP C 189 -8.51 -18.84 26.11
N HIS C 190 -9.65 -19.46 25.86
CA HIS C 190 -10.72 -18.98 24.95
C HIS C 190 -12.07 -19.00 25.69
N THR C 191 -12.02 -18.98 27.03
CA THR C 191 -13.18 -18.89 27.96
C THR C 191 -14.08 -17.72 27.61
N ILE C 192 -15.37 -17.91 27.90
CA ILE C 192 -16.32 -16.78 28.06
C ILE C 192 -16.68 -16.76 29.52
N PRO C 193 -16.12 -15.84 30.31
CA PRO C 193 -16.22 -15.94 31.76
C PRO C 193 -17.66 -15.68 32.28
N GLU C 194 -18.36 -14.73 31.65
CA GLU C 194 -19.70 -14.26 32.08
C GLU C 194 -20.55 -13.93 30.84
N VAL C 195 -21.83 -14.29 30.89
CA VAL C 195 -22.79 -14.09 29.76
C VAL C 195 -23.83 -13.05 30.21
N ILE D 5 -18.73 -31.92 -18.62
CA ILE D 5 -18.19 -32.67 -19.84
C ILE D 5 -19.36 -33.41 -20.52
N LYS D 6 -19.82 -32.92 -21.67
CA LYS D 6 -20.97 -33.50 -22.44
C LYS D 6 -20.58 -34.87 -22.99
N GLN D 7 -21.49 -35.86 -22.96
CA GLN D 7 -21.21 -37.25 -23.41
C GLN D 7 -21.39 -37.34 -24.93
N GLY D 8 -20.85 -38.41 -25.54
CA GLY D 8 -20.88 -38.66 -26.98
C GLY D 8 -20.18 -37.56 -27.78
N ILE D 9 -20.70 -37.30 -28.98
CA ILE D 9 -19.96 -36.67 -30.10
C ILE D 9 -20.79 -35.55 -30.72
N ARG D 10 -20.18 -34.41 -31.08
CA ARG D 10 -20.86 -33.29 -31.77
C ARG D 10 -20.05 -32.82 -32.99
N GLU D 11 -20.74 -32.25 -33.99
CA GLU D 11 -20.11 -31.61 -35.15
C GLU D 11 -19.88 -30.15 -34.83
N VAL D 12 -18.79 -29.58 -35.32
CA VAL D 12 -18.62 -28.11 -35.33
C VAL D 12 -18.22 -27.77 -36.75
N ILE D 13 -18.87 -26.75 -37.28
CA ILE D 13 -18.60 -26.21 -38.65
C ILE D 13 -17.95 -24.86 -38.35
N LEU D 14 -16.80 -24.56 -38.96
CA LEU D 14 -16.16 -23.23 -38.86
C LEU D 14 -15.50 -22.84 -40.18
N CYS D 15 -15.17 -21.54 -40.32
CA CYS D 15 -14.54 -20.96 -41.53
C CYS D 15 -13.25 -20.28 -41.09
N LYS D 16 -12.22 -20.37 -41.93
CA LYS D 16 -10.88 -19.76 -41.71
C LYS D 16 -11.04 -18.25 -41.65
N ASP D 17 -10.23 -17.55 -40.87
CA ASP D 17 -10.25 -16.08 -40.88
C ASP D 17 -9.54 -15.54 -42.13
N GLN D 18 -9.28 -14.24 -42.15
CA GLN D 18 -8.67 -13.55 -43.33
C GLN D 18 -7.22 -14.00 -43.53
N ASP D 19 -6.58 -14.59 -42.51
CA ASP D 19 -5.19 -15.11 -42.63
C ASP D 19 -5.17 -16.59 -43.04
N GLY D 20 -6.32 -17.23 -43.19
CA GLY D 20 -6.37 -18.67 -43.49
C GLY D 20 -6.23 -19.50 -42.24
N LYS D 21 -6.61 -18.96 -41.08
CA LYS D 21 -6.33 -19.59 -39.77
C LYS D 21 -7.66 -19.92 -39.13
N ILE D 22 -7.73 -21.04 -38.42
CA ILE D 22 -8.91 -21.33 -37.55
C ILE D 22 -8.56 -21.17 -36.07
N GLY D 23 -7.30 -21.23 -35.66
CA GLY D 23 -6.83 -20.90 -34.30
C GLY D 23 -6.61 -22.18 -33.45
N LEU D 24 -5.92 -23.21 -33.97
CA LEU D 24 -5.77 -24.53 -33.32
C LEU D 24 -4.32 -24.98 -33.36
N ARG D 25 -3.91 -25.70 -32.32
CA ARG D 25 -2.76 -26.63 -32.31
C ARG D 25 -3.28 -27.99 -31.90
N LEU D 26 -2.92 -29.04 -32.64
CA LEU D 26 -3.34 -30.43 -32.44
C LEU D 26 -2.15 -31.28 -32.02
N LYS D 27 -2.44 -32.39 -31.33
CA LYS D 27 -1.39 -33.29 -30.80
C LYS D 27 -1.90 -34.73 -30.92
N SER D 28 -1.04 -35.60 -31.44
CA SER D 28 -1.22 -37.06 -31.48
C SER D 28 -1.04 -37.57 -30.06
N ILE D 29 -2.07 -38.22 -29.49
CA ILE D 29 -1.94 -38.98 -28.21
C ILE D 29 -2.63 -40.33 -28.41
N ASP D 30 -1.90 -41.42 -28.17
CA ASP D 30 -2.49 -42.78 -28.13
C ASP D 30 -3.33 -43.04 -29.40
N ASN D 31 -2.84 -42.59 -30.57
CA ASN D 31 -3.41 -42.80 -31.94
C ASN D 31 -4.72 -42.08 -32.11
N GLY D 32 -4.89 -41.01 -31.30
CA GLY D 32 -5.98 -40.03 -31.32
C GLY D 32 -5.40 -38.66 -31.59
N ILE D 33 -6.22 -37.71 -32.05
CA ILE D 33 -5.80 -36.29 -32.23
C ILE D 33 -6.60 -35.49 -31.21
N PHE D 34 -5.92 -34.63 -30.46
CA PHE D 34 -6.42 -33.78 -29.36
C PHE D 34 -5.98 -32.34 -29.57
N VAL D 35 -6.75 -31.38 -29.07
CA VAL D 35 -6.48 -29.91 -29.12
C VAL D 35 -5.49 -29.57 -28.02
N GLN D 36 -4.31 -29.13 -28.39
CA GLN D 36 -3.25 -28.65 -27.46
C GLN D 36 -3.39 -27.13 -27.21
N LEU D 37 -4.08 -26.45 -28.12
CA LEU D 37 -4.36 -24.99 -27.99
C LEU D 37 -5.54 -24.51 -28.83
N VAL D 38 -6.26 -23.59 -28.22
CA VAL D 38 -7.36 -22.81 -28.83
C VAL D 38 -6.97 -21.36 -28.70
N GLN D 39 -6.81 -20.67 -29.83
CA GLN D 39 -6.38 -19.25 -29.83
C GLN D 39 -7.54 -18.32 -29.42
N ALA D 40 -7.27 -17.46 -28.44
CA ALA D 40 -8.15 -16.32 -28.04
C ALA D 40 -8.57 -15.57 -29.30
N ASN D 41 -9.88 -15.43 -29.46
CA ASN D 41 -10.59 -14.57 -30.44
C ASN D 41 -10.45 -15.19 -31.82
N SER D 42 -10.55 -16.49 -31.92
CA SER D 42 -10.29 -17.25 -33.16
C SER D 42 -11.57 -17.94 -33.60
N PRO D 43 -11.67 -18.34 -34.88
CA PRO D 43 -12.82 -19.14 -35.30
C PRO D 43 -13.04 -20.35 -34.38
N ALA D 44 -11.99 -21.10 -34.06
CA ALA D 44 -12.09 -22.24 -33.14
C ALA D 44 -12.74 -21.80 -31.81
N SER D 45 -12.32 -20.69 -31.22
CA SER D 45 -12.81 -20.29 -29.87
C SER D 45 -14.25 -19.80 -29.99
N LEU D 46 -14.65 -19.14 -31.11
CA LEU D 46 -16.04 -18.65 -31.36
C LEU D 46 -16.96 -19.87 -31.52
N VAL D 47 -16.52 -21.00 -32.05
CA VAL D 47 -17.49 -22.14 -32.17
C VAL D 47 -17.48 -23.02 -30.91
N GLY D 48 -16.69 -22.73 -29.88
CA GLY D 48 -16.74 -23.50 -28.60
C GLY D 48 -15.81 -24.72 -28.58
N LEU D 49 -14.75 -24.73 -29.39
CA LEU D 49 -13.67 -25.72 -29.18
C LEU D 49 -12.89 -25.37 -27.88
N ARG D 50 -12.28 -26.40 -27.32
CA ARG D 50 -11.59 -26.37 -26.02
C ARG D 50 -10.36 -27.27 -25.98
N PHE D 51 -9.34 -26.76 -25.27
CA PHE D 51 -8.17 -27.51 -24.82
C PHE D 51 -8.66 -28.90 -24.35
N GLY D 52 -8.07 -29.98 -24.85
CA GLY D 52 -8.44 -31.37 -24.45
C GLY D 52 -9.43 -32.08 -25.35
N ASP D 53 -10.08 -31.34 -26.23
CA ASP D 53 -11.12 -31.91 -27.11
C ASP D 53 -10.40 -32.91 -28.01
N GLN D 54 -11.04 -34.06 -28.30
CA GLN D 54 -10.60 -35.06 -29.28
C GLN D 54 -11.25 -34.73 -30.63
N VAL D 55 -10.45 -34.75 -31.69
CA VAL D 55 -10.90 -34.59 -33.09
C VAL D 55 -10.99 -35.99 -33.73
N LEU D 56 -12.22 -36.47 -33.92
CA LEU D 56 -12.50 -37.83 -34.47
C LEU D 56 -12.43 -37.77 -36.00
N GLN D 57 -12.96 -36.70 -36.58
CA GLN D 57 -12.98 -36.52 -38.06
C GLN D 57 -12.78 -35.04 -38.44
N ILE D 58 -12.09 -34.80 -39.56
CA ILE D 58 -12.00 -33.48 -40.22
C ILE D 58 -12.51 -33.73 -41.66
N ASN D 59 -13.57 -32.97 -42.02
CA ASN D 59 -14.35 -33.05 -43.29
C ASN D 59 -14.63 -34.53 -43.58
N GLY D 60 -15.15 -35.28 -42.61
CA GLY D 60 -15.59 -36.66 -42.83
C GLY D 60 -14.46 -37.67 -42.84
N GLU D 61 -13.18 -37.28 -42.70
CA GLU D 61 -12.06 -38.23 -42.69
C GLU D 61 -11.61 -38.46 -41.24
N ASN D 62 -11.36 -39.72 -40.95
CA ASN D 62 -10.94 -40.20 -39.61
C ASN D 62 -9.54 -39.68 -39.29
N CYS D 63 -9.37 -39.15 -38.09
CA CYS D 63 -8.03 -38.73 -37.60
C CYS D 63 -7.23 -39.86 -36.98
N ALA D 64 -7.82 -41.04 -36.76
CA ALA D 64 -7.20 -42.19 -36.07
C ALA D 64 -5.81 -42.51 -36.64
N GLY D 65 -4.82 -42.51 -35.75
CA GLY D 65 -3.42 -42.79 -36.11
C GLY D 65 -2.70 -41.65 -36.83
N TRP D 66 -3.27 -40.44 -36.96
CA TRP D 66 -2.57 -39.32 -37.63
C TRP D 66 -1.50 -38.70 -36.73
N SER D 67 -0.30 -38.44 -37.24
CA SER D 67 0.71 -37.60 -36.56
C SER D 67 0.10 -36.20 -36.44
N SER D 68 0.59 -35.38 -35.54
CA SER D 68 0.27 -33.93 -35.42
C SER D 68 0.42 -33.25 -36.78
N ASP D 69 1.59 -33.48 -37.40
CA ASP D 69 2.07 -32.86 -38.67
C ASP D 69 0.99 -33.12 -39.73
N LYS D 70 0.49 -34.35 -39.77
CA LYS D 70 -0.56 -34.70 -40.77
C LYS D 70 -1.85 -33.98 -40.43
N ALA D 71 -2.29 -33.99 -39.17
CA ALA D 71 -3.55 -33.30 -38.82
C ALA D 71 -3.39 -31.81 -39.16
N HIS D 72 -2.24 -31.21 -38.84
CA HIS D 72 -1.95 -29.77 -39.17
C HIS D 72 -1.99 -29.55 -40.69
N LYS D 73 -1.38 -30.47 -41.41
CA LYS D 73 -1.29 -30.38 -42.88
C LYS D 73 -2.70 -30.32 -43.45
N VAL D 74 -3.53 -31.24 -42.96
CA VAL D 74 -4.91 -31.42 -43.46
C VAL D 74 -5.71 -30.18 -43.12
N LEU D 75 -5.55 -29.56 -41.96
CA LEU D 75 -6.36 -28.34 -41.72
C LEU D 75 -5.89 -27.19 -42.64
N LYS D 76 -4.58 -27.10 -42.83
CA LYS D 76 -3.91 -26.00 -43.56
C LYS D 76 -4.34 -26.07 -45.04
N GLN D 77 -4.39 -27.27 -45.61
CA GLN D 77 -4.80 -27.50 -47.04
C GLN D 77 -6.33 -27.43 -47.21
N ALA D 78 -7.13 -27.60 -46.14
CA ALA D 78 -8.60 -27.58 -46.26
C ALA D 78 -9.10 -26.26 -46.86
N PHE D 79 -9.98 -26.34 -47.86
CA PHE D 79 -10.75 -25.18 -48.36
C PHE D 79 -11.38 -24.48 -47.15
N GLY D 80 -11.20 -23.15 -47.06
CA GLY D 80 -11.56 -22.34 -45.87
C GLY D 80 -13.07 -22.20 -45.71
N GLU D 81 -13.79 -22.18 -46.84
CA GLU D 81 -15.26 -21.90 -46.99
C GLU D 81 -16.07 -22.49 -45.83
N LYS D 82 -16.01 -23.81 -45.63
CA LYS D 82 -16.62 -24.50 -44.47
C LYS D 82 -15.79 -25.74 -44.11
N ILE D 83 -15.37 -25.83 -42.85
CA ILE D 83 -14.64 -27.02 -42.30
C ILE D 83 -15.54 -27.66 -41.25
N THR D 84 -15.69 -28.96 -41.33
CA THR D 84 -16.47 -29.76 -40.37
C THR D 84 -15.50 -30.54 -39.50
N MET D 85 -15.76 -30.57 -38.21
CA MET D 85 -14.97 -31.43 -37.30
C MET D 85 -15.98 -32.17 -36.43
N THR D 86 -15.78 -33.47 -36.26
CA THR D 86 -16.47 -34.30 -35.26
C THR D 86 -15.60 -34.35 -34.00
N ILE D 87 -16.16 -33.93 -32.87
CA ILE D 87 -15.47 -33.66 -31.57
C ILE D 87 -16.01 -34.62 -30.49
N ARG D 88 -15.11 -35.24 -29.73
CA ARG D 88 -15.46 -35.83 -28.43
C ARG D 88 -15.02 -34.84 -27.32
N ASP D 89 -15.93 -34.50 -26.41
CA ASP D 89 -15.72 -33.46 -25.39
C ASP D 89 -14.65 -33.92 -24.38
N ARG D 90 -13.52 -33.20 -24.32
CA ARG D 90 -12.43 -33.35 -23.31
C ARG D 90 -12.32 -34.73 -22.63
N PRO D 91 -12.06 -35.81 -23.38
CA PRO D 91 -12.20 -37.16 -22.85
C PRO D 91 -11.17 -37.47 -21.78
N PHE D 92 -10.10 -36.67 -21.63
CA PHE D 92 -9.07 -37.01 -20.64
C PHE D 92 -9.39 -36.30 -19.33
N GLU D 93 -10.45 -35.47 -19.29
CA GLU D 93 -10.67 -34.54 -18.14
C GLU D 93 -11.97 -34.90 -17.40
N ARG D 94 -12.09 -34.52 -16.15
CA ARG D 94 -13.40 -34.54 -15.43
C ARG D 94 -13.58 -33.29 -14.59
N THR D 95 -14.79 -33.07 -14.14
CA THR D 95 -15.07 -31.89 -13.28
C THR D 95 -15.47 -32.35 -11.89
N ILE D 96 -15.00 -31.63 -10.89
CA ILE D 96 -15.32 -31.79 -9.44
C ILE D 96 -15.97 -30.47 -9.00
N THR D 97 -17.17 -30.55 -8.42
CA THR D 97 -17.92 -29.45 -7.78
C THR D 97 -17.65 -29.47 -6.28
N MET D 98 -17.18 -28.34 -5.78
CA MET D 98 -16.86 -28.05 -4.38
C MET D 98 -17.62 -26.79 -3.95
N HIS D 99 -17.71 -26.56 -2.65
CA HIS D 99 -18.41 -25.42 -1.99
C HIS D 99 -17.38 -24.77 -1.08
N LYS D 100 -17.22 -23.47 -1.18
CA LYS D 100 -16.23 -22.76 -0.37
C LYS D 100 -16.63 -22.80 1.10
N ASP D 101 -15.65 -22.88 1.96
CA ASP D 101 -15.92 -22.84 3.43
C ASP D 101 -16.14 -21.38 3.81
N SER D 102 -16.25 -21.11 5.11
CA SER D 102 -16.56 -19.75 5.65
C SER D 102 -15.40 -18.79 5.37
N THR D 103 -14.21 -19.33 5.09
CA THR D 103 -13.01 -18.52 4.76
C THR D 103 -12.75 -18.46 3.25
N GLY D 104 -13.66 -19.01 2.43
CA GLY D 104 -13.58 -18.89 0.97
C GLY D 104 -12.64 -19.91 0.35
N HIS D 105 -12.35 -21.02 1.04
CA HIS D 105 -11.43 -22.09 0.59
C HIS D 105 -12.21 -23.37 0.33
N VAL D 106 -11.77 -24.11 -0.67
CA VAL D 106 -12.35 -25.44 -1.00
C VAL D 106 -11.48 -26.57 -0.44
N GLY D 107 -10.20 -26.33 -0.12
CA GLY D 107 -9.36 -27.30 0.61
C GLY D 107 -8.37 -28.05 -0.24
N PHE D 108 -7.55 -27.32 -0.99
CA PHE D 108 -6.42 -27.94 -1.70
C PHE D 108 -5.25 -26.97 -1.88
N ILE D 109 -4.09 -27.56 -2.16
CA ILE D 109 -2.79 -26.88 -2.41
C ILE D 109 -2.39 -27.26 -3.83
N PHE D 110 -1.94 -26.30 -4.62
CA PHE D 110 -1.41 -26.61 -5.95
C PHE D 110 -0.16 -25.81 -6.23
N LYS D 111 0.67 -26.33 -7.11
CA LYS D 111 1.86 -25.59 -7.64
C LYS D 111 2.02 -25.87 -9.13
N ASN D 112 2.34 -24.85 -9.92
CA ASN D 112 2.46 -24.95 -11.39
C ASN D 112 1.17 -25.58 -11.93
N GLY D 113 0.03 -25.23 -11.38
CA GLY D 113 -1.26 -25.75 -11.89
C GLY D 113 -1.60 -27.15 -11.39
N LYS D 114 -0.71 -27.84 -10.66
CA LYS D 114 -0.88 -29.27 -10.33
C LYS D 114 -1.27 -29.41 -8.87
N ILE D 115 -2.37 -30.11 -8.58
CA ILE D 115 -2.85 -30.28 -7.18
C ILE D 115 -1.83 -31.19 -6.47
N THR D 116 -1.28 -30.72 -5.34
CA THR D 116 -0.22 -31.43 -4.62
C THR D 116 -0.72 -31.90 -3.27
N SER D 117 -1.67 -31.23 -2.61
CA SER D 117 -2.33 -31.84 -1.43
C SER D 117 -3.80 -31.43 -1.26
N ILE D 118 -4.50 -32.25 -0.48
CA ILE D 118 -5.95 -32.15 -0.14
C ILE D 118 -6.05 -31.94 1.36
N VAL D 119 -6.79 -30.92 1.75
CA VAL D 119 -6.93 -30.48 3.15
C VAL D 119 -7.95 -31.43 3.80
N LYS D 120 -7.65 -31.93 5.01
CA LYS D 120 -8.56 -32.83 5.78
C LYS D 120 -9.94 -32.18 6.02
N ASP D 121 -11.01 -32.95 5.84
CA ASP D 121 -12.42 -32.57 6.17
C ASP D 121 -12.84 -31.31 5.39
N SER D 122 -12.22 -31.07 4.24
CA SER D 122 -12.57 -29.96 3.33
C SER D 122 -13.59 -30.47 2.29
N SER D 123 -14.11 -29.51 1.53
CA SER D 123 -15.00 -29.75 0.37
C SER D 123 -14.23 -30.54 -0.69
N ALA D 124 -12.94 -30.21 -0.90
CA ALA D 124 -12.05 -30.94 -1.83
C ALA D 124 -11.99 -32.42 -1.41
N ALA D 125 -11.92 -32.71 -0.10
CA ALA D 125 -11.87 -34.10 0.41
C ALA D 125 -13.23 -34.82 0.25
N ARG D 126 -14.34 -34.18 0.61
CA ARG D 126 -15.68 -34.76 0.51
C ARG D 126 -15.95 -35.15 -0.94
N ASN D 127 -15.46 -34.39 -1.91
CA ASN D 127 -15.82 -34.62 -3.35
C ASN D 127 -14.75 -35.43 -4.04
N GLY D 128 -13.74 -35.85 -3.29
CA GLY D 128 -12.65 -36.74 -3.78
C GLY D 128 -11.75 -36.15 -4.85
N LEU D 129 -11.37 -34.90 -4.68
CA LEU D 129 -10.35 -34.28 -5.56
C LEU D 129 -9.06 -35.07 -5.37
N LEU D 130 -8.27 -35.21 -6.43
CA LEU D 130 -7.02 -36.00 -6.45
C LEU D 130 -5.79 -35.10 -6.64
N THR D 131 -4.65 -35.56 -6.11
CA THR D 131 -3.32 -34.98 -6.37
C THR D 131 -2.79 -35.52 -7.70
N GLU D 132 -1.70 -34.92 -8.13
CA GLU D 132 -1.04 -35.32 -9.39
C GLU D 132 -2.06 -35.16 -10.53
N HIS D 133 -2.88 -34.11 -10.43
CA HIS D 133 -3.84 -33.71 -11.49
C HIS D 133 -3.64 -32.22 -11.80
N ASN D 134 -3.63 -31.88 -13.06
CA ASN D 134 -3.46 -30.48 -13.50
C ASN D 134 -4.85 -29.89 -13.60
N ILE D 135 -4.97 -28.67 -13.11
CA ILE D 135 -6.15 -27.79 -13.28
C ILE D 135 -6.18 -27.29 -14.71
N CYS D 136 -7.24 -27.63 -15.44
CA CYS D 136 -7.46 -27.26 -16.84
C CYS D 136 -8.41 -26.04 -16.89
N GLU D 137 -9.44 -26.04 -16.06
CA GLU D 137 -10.55 -25.05 -16.09
C GLU D 137 -11.08 -24.84 -14.69
N ILE D 138 -11.64 -23.67 -14.49
CA ILE D 138 -12.41 -23.27 -13.29
C ILE D 138 -13.70 -22.65 -13.78
N ASN D 139 -14.83 -23.25 -13.36
CA ASN D 139 -16.14 -22.79 -13.86
C ASN D 139 -16.10 -22.72 -15.40
N GLY D 140 -15.45 -23.68 -16.05
CA GLY D 140 -15.46 -23.72 -17.54
C GLY D 140 -14.43 -22.74 -18.17
N GLN D 141 -13.69 -21.95 -17.37
CA GLN D 141 -12.65 -21.04 -17.92
C GLN D 141 -11.31 -21.77 -17.95
N ASN D 142 -10.71 -21.85 -19.14
CA ASN D 142 -9.34 -22.38 -19.40
C ASN D 142 -8.39 -21.52 -18.58
N VAL D 143 -7.54 -22.14 -17.73
CA VAL D 143 -6.46 -21.49 -16.95
C VAL D 143 -5.10 -22.10 -17.35
N ILE D 144 -5.01 -22.71 -18.52
CA ILE D 144 -3.74 -23.36 -18.95
C ILE D 144 -2.74 -22.30 -19.40
N GLY D 145 -1.60 -22.33 -18.70
CA GLY D 145 -0.47 -21.41 -18.89
C GLY D 145 -0.50 -20.19 -17.98
N LEU D 146 -1.53 -20.02 -17.16
CA LEU D 146 -1.62 -18.91 -16.20
C LEU D 146 -0.65 -19.15 -15.04
N LYS D 147 -0.26 -18.09 -14.40
CA LYS D 147 0.57 -18.17 -13.17
C LYS D 147 -0.35 -18.67 -12.06
N ASP D 148 0.20 -19.37 -11.07
CA ASP D 148 -0.52 -19.81 -9.85
C ASP D 148 -1.30 -18.63 -9.26
N SER D 149 -0.76 -17.40 -9.30
CA SER D 149 -1.42 -16.26 -8.63
C SER D 149 -2.68 -15.95 -9.43
N GLN D 150 -2.62 -16.07 -10.74
CA GLN D 150 -3.81 -15.87 -11.62
C GLN D 150 -4.89 -16.93 -11.32
N ILE D 151 -4.51 -18.19 -11.20
CA ILE D 151 -5.43 -19.31 -10.86
C ILE D 151 -6.05 -18.96 -9.52
N ALA D 152 -5.23 -18.55 -8.56
CA ALA D 152 -5.70 -18.17 -7.20
C ALA D 152 -6.83 -17.13 -7.30
N ASP D 153 -6.67 -16.06 -8.08
N ASP D 153 -6.62 -16.10 -8.11
CA ASP D 153 -7.71 -15.01 -8.12
CA ASP D 153 -7.57 -14.98 -8.29
C ASP D 153 -8.94 -15.50 -8.91
C ASP D 153 -8.88 -15.49 -8.91
N ILE D 154 -8.77 -16.33 -9.93
CA ILE D 154 -9.96 -16.95 -10.57
C ILE D 154 -10.71 -17.76 -9.49
N LEU D 155 -10.01 -18.50 -8.64
CA LEU D 155 -10.68 -19.31 -7.57
C LEU D 155 -11.42 -18.33 -6.66
N SER D 156 -10.78 -17.28 -6.24
CA SER D 156 -11.38 -16.43 -5.19
C SER D 156 -12.54 -15.62 -5.78
N THR D 157 -12.61 -15.38 -7.09
CA THR D 157 -13.70 -14.55 -7.66
C THR D 157 -14.82 -15.43 -8.21
N SER D 158 -14.70 -16.74 -8.03
CA SER D 158 -15.82 -17.70 -8.21
C SER D 158 -16.93 -17.37 -7.19
N GLY D 159 -18.19 -17.65 -7.50
CA GLY D 159 -19.19 -17.87 -6.44
C GLY D 159 -18.83 -19.05 -5.51
N THR D 160 -19.69 -19.30 -4.52
CA THR D 160 -19.53 -20.28 -3.43
C THR D 160 -19.28 -21.67 -4.03
N VAL D 161 -19.97 -21.96 -5.12
CA VAL D 161 -19.92 -23.26 -5.82
C VAL D 161 -18.80 -23.17 -6.85
N VAL D 162 -17.71 -23.96 -6.67
CA VAL D 162 -16.46 -23.92 -7.52
C VAL D 162 -16.36 -25.23 -8.28
N THR D 163 -16.37 -25.19 -9.59
CA THR D 163 -16.28 -26.39 -10.42
C THR D 163 -14.88 -26.43 -11.04
N ILE D 164 -14.06 -27.44 -10.80
CA ILE D 164 -12.73 -27.47 -11.46
C ILE D 164 -12.67 -28.70 -12.34
N THR D 165 -12.17 -28.45 -13.56
CA THR D 165 -11.83 -29.49 -14.55
C THR D 165 -10.36 -29.84 -14.42
N ILE D 166 -10.11 -31.13 -14.20
CA ILE D 166 -8.78 -31.72 -13.97
C ILE D 166 -8.49 -32.82 -15.00
N MET D 167 -7.18 -33.06 -15.14
CA MET D 167 -6.52 -34.02 -16.03
C MET D 167 -5.42 -34.64 -15.19
N PRO D 168 -5.24 -35.99 -15.25
CA PRO D 168 -4.10 -36.64 -14.62
C PRO D 168 -2.80 -36.04 -15.18
N ALA D 169 -1.78 -35.79 -14.34
CA ALA D 169 -0.62 -34.94 -14.67
C ALA D 169 0.21 -35.47 -15.85
N PHE D 170 0.46 -36.78 -15.89
N PHE D 170 0.40 -36.80 -15.94
CA PHE D 170 1.24 -37.46 -16.98
CA PHE D 170 1.25 -37.46 -16.96
C PHE D 170 0.59 -37.13 -18.32
C PHE D 170 0.59 -37.35 -18.36
N ILE D 171 -0.73 -37.26 -18.43
CA ILE D 171 -1.45 -36.98 -19.71
C ILE D 171 -1.30 -35.49 -20.06
N PHE D 172 -1.45 -34.60 -19.07
CA PHE D 172 -1.38 -33.14 -19.31
C PHE D 172 -0.02 -32.85 -19.93
N GLU D 173 1.02 -33.26 -19.25
CA GLU D 173 2.43 -33.12 -19.68
C GLU D 173 2.54 -33.62 -21.11
N HIS D 174 1.96 -34.78 -21.44
CA HIS D 174 2.04 -35.33 -22.84
C HIS D 174 1.34 -34.37 -23.81
N ILE D 175 0.19 -33.80 -23.47
CA ILE D 175 -0.57 -32.88 -24.39
C ILE D 175 0.23 -31.60 -24.59
N ILE D 176 0.86 -31.01 -23.58
CA ILE D 176 1.48 -29.67 -23.84
C ILE D 176 2.93 -29.78 -24.39
N LYS D 177 3.50 -30.98 -24.54
CA LYS D 177 4.85 -31.18 -25.09
C LYS D 177 4.90 -30.59 -26.50
N ARG D 178 6.05 -30.04 -26.92
CA ARG D 178 6.28 -29.54 -28.32
C ARG D 178 5.33 -28.37 -28.59
N MET D 179 5.32 -27.41 -27.65
CA MET D 179 4.55 -26.14 -27.64
C MET D 179 5.38 -25.14 -26.82
N ALA D 180 5.86 -24.07 -27.45
CA ALA D 180 6.64 -22.98 -26.83
C ALA D 180 5.82 -22.35 -25.70
N PRO D 181 6.39 -22.25 -24.47
CA PRO D 181 5.72 -21.55 -23.37
C PRO D 181 5.18 -20.16 -23.76
N SER D 182 5.83 -19.47 -24.69
CA SER D 182 5.47 -18.09 -25.11
C SER D 182 4.22 -18.18 -25.98
N ILE D 183 4.07 -19.29 -26.71
CA ILE D 183 2.81 -19.53 -27.44
C ILE D 183 1.68 -19.88 -26.44
N MET D 184 1.88 -20.79 -25.48
CA MET D 184 0.84 -21.18 -24.50
C MET D 184 0.43 -19.94 -23.71
N LYS D 185 1.41 -19.18 -23.24
CA LYS D 185 1.17 -17.97 -22.42
C LYS D 185 0.58 -16.80 -23.24
N SER D 186 0.80 -16.64 -24.54
CA SER D 186 0.19 -15.49 -25.27
C SER D 186 -1.03 -15.79 -26.14
N LEU D 187 -1.26 -17.05 -26.53
CA LEU D 187 -2.30 -17.39 -27.53
C LEU D 187 -3.48 -18.14 -26.88
N MET D 188 -3.26 -18.82 -25.75
CA MET D 188 -4.30 -19.69 -25.12
C MET D 188 -5.56 -18.88 -24.75
N ASP D 189 -6.70 -19.31 -25.27
CA ASP D 189 -8.04 -18.76 -24.96
C ASP D 189 -8.28 -18.84 -23.45
N HIS D 190 -8.73 -17.75 -22.82
CA HIS D 190 -9.06 -17.73 -21.37
C HIS D 190 -10.37 -17.01 -21.17
N THR D 191 -11.15 -16.82 -22.22
CA THR D 191 -12.37 -15.98 -22.17
C THR D 191 -13.47 -16.70 -21.36
N ILE D 192 -14.41 -15.91 -20.83
CA ILE D 192 -15.66 -16.40 -20.21
C ILE D 192 -16.81 -15.65 -20.87
N PRO D 193 -18.05 -16.19 -20.83
CA PRO D 193 -19.15 -15.57 -21.58
C PRO D 193 -19.58 -14.18 -21.09
N GLU D 194 -19.52 -13.91 -19.77
CA GLU D 194 -19.90 -12.62 -19.17
C GLU D 194 -19.21 -12.49 -17.80
N VAL D 195 -19.13 -11.28 -17.25
CA VAL D 195 -18.86 -11.08 -15.80
C VAL D 195 -20.22 -10.80 -15.15
#